data_8P90
#
_entry.id   8P90
#
_cell.length_a   94.657
_cell.length_b   94.657
_cell.length_c   441.848
_cell.angle_alpha   90.000
_cell.angle_beta   90.000
_cell.angle_gamma   120.000
#
_symmetry.space_group_name_H-M   'P 65 2 2'
#
loop_
_entity.id
_entity.type
_entity.pdbx_description
1 polymer 'N-acyl-phosphatidylethanolamine-hydrolyzing phospholipase D'
2 non-polymer 'ZINC ION'
3 non-polymer 1,2-Distearoyl-sn-glycerophosphoethanolamine
4 non-polymer '(3ALPHA,5BETA,12ALPHA)-3,12-DIHYDROXYCHOLAN-24-OIC ACID'
5 non-polymer "PYRIDOXAL-5'-PHOSPHATE"
6 water water
#
_entity_poly.entity_id   1
_entity_poly.type   'polypeptide(L)'
_entity_poly.pdbx_seq_one_letter_code
;MDENESNQSLMTSSQYPKEAVRKRQNSARNSGASDSSRFSRKSFKLDYRLEEDVTKSKKGKDGRFVNPWPTWKNPSIPNV
LRWLIMEKDHSSVPSSKEELDKELPVLKPYFITNPEEAGVREAGLRVTWLGHATVMVEMDELIFLTDPIFSSRASPSQYM
GPKRFRRSPCTISELPPIDAVLISHNHYDHLDYNSVIALNERFGNELRWFVPLGLLDWMQKCGCENVIELDWWEENCVPG
HDKVTFVFTPSQHWCKRTLMDDNKVLWGSWSVLGPWNRFFFAGDTGYCPAFEEIGKRFGPFDLAAIPIGAYEPRWFMKYQ
HVDPEEAVRIHTDVQTKKSMAIHWGTFALANEHYLEPPVKLNEALERYGLNAEDFFVLKHGESRYLNNDDENF
;
_entity_poly.pdbx_strand_id   A,B
#
# COMPACT_ATOMS: atom_id res chain seq x y z
N SER A 57 -10.23 -18.40 40.35
CA SER A 57 -10.89 -17.10 40.06
C SER A 57 -12.37 -17.17 40.44
N LYS A 58 -13.23 -16.48 39.70
CA LYS A 58 -14.70 -16.52 39.96
C LYS A 58 -15.44 -16.04 38.71
N LYS A 59 -14.69 -15.66 37.66
CA LYS A 59 -15.32 -15.13 36.42
C LYS A 59 -15.35 -16.22 35.35
N GLY A 60 -16.56 -16.62 34.94
CA GLY A 60 -16.71 -17.65 33.92
C GLY A 60 -15.70 -17.46 32.79
N LYS A 61 -15.14 -18.58 32.39
CA LYS A 61 -14.15 -18.75 31.36
C LYS A 61 -14.75 -19.63 30.27
N ASP A 62 -13.92 -19.99 29.28
CA ASP A 62 -14.39 -20.81 28.18
C ASP A 62 -13.25 -21.66 27.64
N GLY A 63 -13.54 -22.94 27.37
CA GLY A 63 -14.81 -23.65 27.51
C GLY A 63 -15.56 -23.95 26.23
N ARG A 64 -14.77 -24.37 25.23
CA ARG A 64 -15.28 -24.54 23.85
C ARG A 64 -16.48 -25.44 23.65
N PHE A 65 -17.14 -25.31 22.48
CA PHE A 65 -18.30 -26.17 22.15
C PHE A 65 -17.78 -27.52 21.67
N VAL A 66 -18.67 -28.49 21.47
CA VAL A 66 -18.26 -29.84 20.95
C VAL A 66 -16.97 -29.71 20.15
N ASN A 67 -16.90 -28.78 19.20
CA ASN A 67 -15.69 -28.67 18.34
C ASN A 67 -15.12 -27.24 18.40
N PRO A 68 -15.80 -26.19 17.89
CA PRO A 68 -15.21 -24.85 17.84
C PRO A 68 -15.38 -24.03 19.12
N TRP A 69 -14.97 -22.75 19.09
CA TRP A 69 -15.11 -21.87 20.26
C TRP A 69 -16.49 -21.20 20.28
N PRO A 70 -17.28 -21.36 21.34
CA PRO A 70 -18.46 -20.52 21.59
C PRO A 70 -18.13 -19.32 22.46
N THR A 71 -19.03 -18.36 22.48
CA THR A 71 -18.80 -17.19 23.33
C THR A 71 -19.20 -17.43 24.79
N TRP A 72 -20.07 -18.41 25.08
CA TRP A 72 -20.54 -18.75 26.42
C TRP A 72 -21.40 -17.63 26.95
N LYS A 73 -21.55 -16.61 26.14
CA LYS A 73 -22.25 -15.42 26.52
C LYS A 73 -23.72 -15.57 26.16
N ASN A 74 -24.56 -14.85 26.90
CA ASN A 74 -26.01 -14.83 26.56
C ASN A 74 -26.24 -13.95 25.33
N PRO A 75 -25.81 -12.66 25.30
CA PRO A 75 -26.13 -11.79 24.17
C PRO A 75 -25.70 -12.51 22.88
N SER A 76 -25.06 -13.66 23.03
CA SER A 76 -24.63 -14.44 21.84
C SER A 76 -25.84 -14.97 21.09
N ILE A 77 -26.12 -14.44 19.90
CA ILE A 77 -27.23 -14.98 19.07
C ILE A 77 -26.60 -15.31 17.71
N PRO A 78 -26.65 -16.57 17.23
CA PRO A 78 -25.99 -17.01 16.00
C PRO A 78 -25.59 -15.94 14.97
N ASN A 79 -26.28 -15.91 13.82
CA ASN A 79 -26.01 -14.88 12.77
C ASN A 79 -24.51 -14.64 12.59
N VAL A 80 -23.85 -15.44 11.74
CA VAL A 80 -22.40 -15.18 11.42
C VAL A 80 -22.14 -15.57 9.95
N LEU A 81 -21.72 -14.60 9.12
CA LEU A 81 -21.54 -14.89 7.67
C LEU A 81 -20.29 -14.18 7.14
N ARG A 82 -20.43 -13.40 6.06
CA ARG A 82 -19.25 -12.73 5.44
C ARG A 82 -19.63 -11.31 5.01
N TRP A 83 -19.09 -10.85 3.87
CA TRP A 83 -19.36 -9.49 3.38
C TRP A 83 -19.11 -9.45 1.86
N LEU A 84 -19.95 -10.15 1.09
CA LEU A 84 -19.78 -10.20 -0.38
C LEU A 84 -21.11 -10.58 -1.04
N ILE A 85 -22.16 -10.79 -0.24
CA ILE A 85 -23.48 -11.23 -0.79
C ILE A 85 -24.58 -11.10 0.28
N MET A 86 -24.58 -10.02 1.06
CA MET A 86 -25.67 -9.81 2.05
C MET A 86 -25.81 -8.31 2.34
N GLU A 87 -26.37 -7.94 3.50
CA GLU A 87 -26.44 -6.50 3.88
C GLU A 87 -25.00 -5.98 3.95
N LYS A 88 -24.48 -5.41 2.86
CA LYS A 88 -23.06 -5.00 2.85
C LYS A 88 -22.86 -3.75 1.97
N ASP A 89 -23.94 -3.06 1.59
CA ASP A 89 -23.78 -1.77 0.85
C ASP A 89 -23.22 -0.73 1.83
N HIS A 90 -23.86 0.43 1.94
CA HIS A 90 -23.43 1.41 2.98
C HIS A 90 -24.27 2.68 2.95
N SER A 91 -23.98 3.59 3.89
CA SER A 91 -24.65 4.91 3.93
C SER A 91 -23.58 5.89 4.42
N SER A 92 -22.39 5.38 4.70
CA SER A 92 -21.28 6.23 5.18
C SER A 92 -21.07 7.39 4.21
N VAL A 93 -20.98 7.09 2.92
CA VAL A 93 -20.82 8.14 1.88
C VAL A 93 -19.49 8.88 2.12
N PRO A 94 -18.32 8.27 1.83
CA PRO A 94 -17.04 8.95 1.94
C PRO A 94 -16.51 9.35 0.55
N SER A 95 -16.30 10.65 0.31
CA SER A 95 -15.74 11.11 -0.98
C SER A 95 -15.15 12.51 -0.88
N SER A 96 -14.50 13.01 -1.94
CA SER A 96 -13.93 14.39 -1.96
C SER A 96 -12.66 14.48 -1.09
N LYS A 97 -11.49 14.48 -1.73
CA LYS A 97 -10.20 14.51 -0.99
C LYS A 97 -10.26 15.55 0.13
N GLU A 98 -10.21 16.83 -0.23
CA GLU A 98 -10.21 17.91 0.79
C GLU A 98 -11.24 17.58 1.87
N GLU A 99 -12.44 17.15 1.47
CA GLU A 99 -13.51 16.89 2.47
C GLU A 99 -12.97 15.93 3.52
N LEU A 100 -12.46 14.78 3.07
CA LEU A 100 -11.87 13.80 4.02
C LEU A 100 -10.82 14.53 4.85
N ASP A 101 -9.82 15.11 4.19
CA ASP A 101 -8.73 15.82 4.89
C ASP A 101 -9.33 16.70 6.00
N LYS A 102 -10.36 17.46 5.67
CA LYS A 102 -11.03 18.32 6.66
C LYS A 102 -11.62 17.45 7.76
N GLU A 103 -12.76 16.83 7.48
CA GLU A 103 -13.44 15.99 8.50
C GLU A 103 -12.44 15.06 9.16
N LEU A 104 -11.86 14.14 8.39
CA LEU A 104 -10.93 13.15 8.98
C LEU A 104 -9.51 13.46 8.52
N PRO A 105 -8.72 14.23 9.29
CA PRO A 105 -7.37 14.60 8.90
C PRO A 105 -6.36 13.55 9.39
N VAL A 106 -5.31 13.32 8.59
CA VAL A 106 -4.26 12.35 8.99
C VAL A 106 -3.08 13.14 9.56
N LEU A 107 -2.73 12.89 10.82
CA LEU A 107 -1.66 13.66 11.48
C LEU A 107 -0.33 12.94 11.34
N LYS A 108 0.73 13.66 10.96
CA LYS A 108 2.07 13.04 10.89
C LYS A 108 2.55 12.82 12.32
N PRO A 109 2.78 11.56 12.74
CA PRO A 109 3.17 11.28 14.12
C PRO A 109 4.43 12.04 14.57
N TYR A 110 4.72 12.00 15.87
CA TYR A 110 5.90 12.73 16.43
C TYR A 110 7.15 11.88 16.28
N PHE A 111 7.01 10.56 16.44
CA PHE A 111 8.19 9.66 16.39
C PHE A 111 8.79 9.68 14.98
N ILE A 112 8.34 10.62 14.15
CA ILE A 112 8.90 10.75 12.77
C ILE A 112 9.75 12.02 12.73
N THR A 113 9.12 13.18 12.94
CA THR A 113 9.86 14.46 12.90
C THR A 113 10.86 14.51 14.05
N ASN A 114 10.52 13.89 15.19
CA ASN A 114 11.41 13.96 16.38
C ASN A 114 11.38 12.61 17.08
N PRO A 115 11.89 11.52 16.44
CA PRO A 115 11.83 10.21 17.05
C PRO A 115 12.28 10.31 18.50
N GLU A 116 13.49 10.81 18.71
CA GLU A 116 14.05 10.98 20.09
C GLU A 116 12.98 10.73 21.14
N GLU A 117 12.15 11.74 21.43
CA GLU A 117 11.10 11.63 22.48
C GLU A 117 10.81 10.17 22.81
N ALA A 118 9.85 9.57 22.11
CA ALA A 118 9.50 8.15 22.34
C ALA A 118 9.60 7.82 23.83
N GLY A 119 10.09 6.61 24.15
CA GLY A 119 10.31 6.23 25.56
C GLY A 119 9.10 6.42 26.46
N VAL A 120 8.81 7.66 26.86
CA VAL A 120 7.70 7.90 27.83
C VAL A 120 7.90 6.94 29.00
N ARG A 121 9.16 6.66 29.33
CA ARG A 121 9.48 5.76 30.47
C ARG A 121 9.35 6.56 31.76
N GLU A 122 8.62 7.67 31.71
CA GLU A 122 8.41 8.51 32.91
C GLU A 122 7.52 7.75 33.91
N ALA A 123 6.25 8.14 34.01
CA ALA A 123 5.34 7.50 34.98
C ALA A 123 3.91 7.53 34.43
N GLY A 124 3.68 8.34 33.40
CA GLY A 124 2.33 8.43 32.79
C GLY A 124 2.16 7.40 31.69
N LEU A 125 1.43 7.75 30.63
CA LEU A 125 1.19 6.82 29.50
C LEU A 125 0.92 7.64 28.24
N ARG A 126 1.66 7.33 27.17
CA ARG A 126 1.44 8.03 25.88
C ARG A 126 0.79 7.04 24.91
N VAL A 127 -0.16 7.52 24.11
CA VAL A 127 -0.87 6.63 23.15
C VAL A 127 -0.88 7.31 21.79
N THR A 128 -0.86 6.51 20.72
CA THR A 128 -0.94 7.09 19.36
C THR A 128 -1.93 6.26 18.54
N TRP A 129 -2.87 6.91 17.86
CA TRP A 129 -3.84 6.19 17.01
C TRP A 129 -3.31 6.15 15.58
N LEU A 130 -2.97 4.96 15.10
CA LEU A 130 -2.45 4.82 13.71
C LEU A 130 -3.55 4.21 12.83
N GLY A 131 -4.81 4.26 13.29
CA GLY A 131 -5.91 3.78 12.45
C GLY A 131 -6.67 2.62 13.06
N HIS A 132 -7.95 2.49 12.74
CA HIS A 132 -8.78 1.36 13.23
C HIS A 132 -8.35 0.96 14.64
N ALA A 133 -7.82 -0.25 14.78
CA ALA A 133 -7.44 -0.76 16.13
C ALA A 133 -5.93 -0.71 16.28
N THR A 134 -5.25 -0.04 15.35
CA THR A 134 -3.77 0.08 15.43
C THR A 134 -3.45 1.22 16.38
N VAL A 135 -3.15 0.89 17.64
CA VAL A 135 -2.79 1.93 18.64
C VAL A 135 -1.43 1.59 19.23
N MET A 136 -0.49 2.54 19.22
CA MET A 136 0.83 2.31 19.85
C MET A 136 0.77 2.85 21.28
N VAL A 137 0.98 1.98 22.27
CA VAL A 137 0.85 2.41 23.68
C VAL A 137 2.24 2.43 24.31
N GLU A 138 2.74 3.64 24.61
CA GLU A 138 4.06 3.77 25.27
C GLU A 138 3.82 3.80 26.78
N MET A 139 4.06 2.70 27.48
CA MET A 139 3.74 2.65 28.93
C MET A 139 4.85 1.91 29.68
N ASP A 140 4.96 2.15 30.99
CA ASP A 140 5.95 1.45 31.83
C ASP A 140 7.10 0.91 30.96
N GLU A 141 7.85 1.79 30.31
CA GLU A 141 9.04 1.38 29.51
C GLU A 141 8.61 0.73 28.19
N LEU A 142 7.84 -0.35 28.26
CA LEU A 142 7.45 -1.10 27.03
C LEU A 142 6.81 -0.17 26.00
N ILE A 143 6.95 -0.50 24.72
CA ILE A 143 6.27 0.26 23.65
C ILE A 143 5.52 -0.79 22.84
N PHE A 144 4.24 -0.99 23.11
CA PHE A 144 3.51 -2.10 22.44
C PHE A 144 2.54 -1.57 21.38
N LEU A 145 2.23 -2.42 20.40
CA LEU A 145 1.28 -2.05 19.33
C LEU A 145 0.13 -3.06 19.33
N THR A 146 -1.06 -2.68 18.87
CA THR A 146 -2.22 -3.58 18.92
C THR A 146 -2.86 -3.69 17.53
N ASP A 147 -3.44 -4.85 17.22
CA ASP A 147 -4.13 -5.05 15.92
C ASP A 147 -3.46 -4.19 14.86
N PRO A 148 -2.20 -4.50 14.46
CA PRO A 148 -1.47 -3.68 13.51
C PRO A 148 -1.91 -3.89 12.05
N ILE A 149 -2.36 -2.83 11.38
CA ILE A 149 -2.72 -2.94 9.94
C ILE A 149 -2.18 -1.70 9.24
N PHE A 150 -1.19 -1.88 8.36
CA PHE A 150 -0.56 -0.73 7.67
C PHE A 150 -0.77 -0.88 6.16
N SER A 151 -1.60 -1.85 5.76
CA SER A 151 -1.85 -2.08 4.32
C SER A 151 -3.15 -1.40 3.90
N SER A 152 -3.30 -1.11 2.61
CA SER A 152 -4.51 -0.40 2.11
C SER A 152 -5.74 -1.27 2.26
N ARG A 153 -5.69 -2.52 1.79
CA ARG A 153 -6.90 -3.39 1.82
C ARG A 153 -6.78 -4.43 2.93
N ALA A 154 -7.90 -4.70 3.62
CA ALA A 154 -7.90 -5.76 4.66
C ALA A 154 -8.66 -6.96 4.10
N SER A 155 -8.17 -7.53 3.01
CA SER A 155 -8.85 -8.67 2.36
C SER A 155 -7.81 -9.72 2.00
N PRO A 156 -8.18 -11.02 1.97
CA PRO A 156 -7.24 -12.04 1.55
C PRO A 156 -6.87 -11.80 0.07
N SER A 157 -7.67 -11.00 -0.63
CA SER A 157 -7.40 -10.71 -2.05
C SER A 157 -6.81 -9.31 -2.19
N GLN A 158 -6.46 -8.94 -3.41
CA GLN A 158 -5.96 -7.58 -3.69
C GLN A 158 -6.88 -6.99 -4.75
N TYR A 159 -7.94 -7.72 -5.07
CA TYR A 159 -8.85 -7.27 -6.15
C TYR A 159 -10.21 -6.90 -5.55
N MET A 160 -10.51 -7.52 -4.40
CA MET A 160 -11.78 -7.21 -3.73
C MET A 160 -11.54 -7.17 -2.22
N GLY A 161 -12.38 -6.44 -1.51
CA GLY A 161 -12.21 -6.32 -0.05
C GLY A 161 -12.26 -4.87 0.40
N PRO A 162 -12.26 -4.60 1.71
CA PRO A 162 -12.36 -3.25 2.21
C PRO A 162 -11.02 -2.51 2.14
N LYS A 163 -10.98 -1.35 1.47
CA LYS A 163 -9.73 -0.56 1.42
C LYS A 163 -9.90 0.71 2.26
N ARG A 164 -8.91 1.02 3.10
CA ARG A 164 -9.00 2.20 3.99
C ARG A 164 -9.22 3.47 3.18
N PHE A 165 -10.06 4.37 3.70
CA PHE A 165 -10.26 5.68 3.04
C PHE A 165 -9.35 6.68 3.78
N ARG A 166 -8.69 6.20 4.84
CA ARG A 166 -7.78 7.07 5.63
C ARG A 166 -6.48 6.30 5.91
N ARG A 167 -5.48 6.45 5.02
CA ARG A 167 -4.21 5.71 5.16
CA ARG A 167 -4.16 5.78 5.19
C ARG A 167 -3.42 5.76 6.55
N SER A 168 -2.61 4.71 6.73
CA SER A 168 -1.91 4.59 8.02
C SER A 168 -0.98 5.79 8.22
N PRO A 169 -1.10 6.56 9.31
CA PRO A 169 -0.28 7.75 9.54
C PRO A 169 1.22 7.52 9.30
N CYS A 170 1.77 6.42 9.85
CA CYS A 170 3.23 6.18 9.72
C CYS A 170 3.48 4.88 8.97
N THR A 171 4.76 4.50 8.81
CA THR A 171 5.10 3.21 8.16
C THR A 171 5.94 2.39 9.14
N ILE A 172 5.86 1.07 9.05
CA ILE A 172 6.57 0.20 10.03
C ILE A 172 8.01 0.71 10.17
N SER A 173 8.64 1.08 9.05
CA SER A 173 10.01 1.64 9.13
C SER A 173 10.00 2.77 10.15
N GLU A 174 9.20 3.81 9.90
CA GLU A 174 9.16 4.98 10.80
C GLU A 174 8.82 4.56 12.23
N LEU A 175 8.19 3.40 12.40
CA LEU A 175 7.75 2.99 13.76
C LEU A 175 8.91 3.07 14.74
N PRO A 176 8.67 3.34 16.03
CA PRO A 176 9.73 3.33 17.03
C PRO A 176 9.99 1.88 17.47
N PRO A 177 11.01 1.58 18.30
CA PRO A 177 11.22 0.22 18.79
C PRO A 177 9.91 -0.38 19.33
N ILE A 178 9.28 -1.26 18.54
CA ILE A 178 8.03 -1.94 18.99
C ILE A 178 8.41 -3.14 19.86
N ASP A 179 7.94 -3.15 21.12
CA ASP A 179 8.29 -4.24 22.07
C ASP A 179 7.37 -5.44 21.81
N ALA A 180 6.17 -5.39 22.39
CA ALA A 180 5.20 -6.50 22.21
C ALA A 180 4.14 -6.08 21.20
N VAL A 181 3.44 -7.05 20.60
CA VAL A 181 2.34 -6.73 19.64
C VAL A 181 1.11 -7.54 20.10
N LEU A 182 -0.07 -6.89 20.18
CA LEU A 182 -1.23 -7.63 20.73
C LEU A 182 -2.23 -7.88 19.61
N ILE A 183 -2.86 -9.06 19.60
CA ILE A 183 -3.82 -9.42 18.52
C ILE A 183 -5.18 -9.72 19.14
N SER A 184 -6.21 -8.95 18.77
CA SER A 184 -7.58 -9.18 19.28
C SER A 184 -8.14 -10.47 18.69
N HIS A 185 -8.37 -10.48 17.37
CA HIS A 185 -8.90 -11.69 16.69
C HIS A 185 -8.19 -11.87 15.34
N ASN A 186 -8.69 -12.76 14.49
CA ASN A 186 -8.01 -13.08 13.21
C ASN A 186 -8.54 -12.25 12.05
N HIS A 187 -9.59 -11.47 12.28
CA HIS A 187 -10.21 -10.74 11.14
C HIS A 187 -9.13 -9.93 10.42
N TYR A 188 -9.26 -9.80 9.11
CA TYR A 188 -8.23 -9.10 8.31
C TYR A 188 -8.07 -7.66 8.79
N ASP A 189 -9.17 -7.06 9.29
CA ASP A 189 -9.12 -5.65 9.76
C ASP A 189 -8.29 -5.59 11.04
N HIS A 190 -7.74 -6.72 11.47
CA HIS A 190 -6.94 -6.77 12.73
C HIS A 190 -5.69 -7.60 12.50
N LEU A 191 -5.72 -8.53 11.55
CA LEU A 191 -4.53 -9.37 11.22
C LEU A 191 -4.14 -9.14 9.75
N ASP A 192 -3.04 -8.42 9.52
CA ASP A 192 -2.57 -8.14 8.14
C ASP A 192 -1.25 -8.88 7.92
N TYR A 193 -1.28 -10.00 7.19
CA TYR A 193 -0.07 -10.80 6.91
C TYR A 193 1.08 -9.85 6.57
N ASN A 194 0.87 -9.02 5.55
CA ASN A 194 1.96 -8.11 5.11
C ASN A 194 2.51 -7.36 6.33
N SER A 195 1.63 -6.74 7.11
CA SER A 195 2.07 -6.00 8.31
C SER A 195 2.93 -6.92 9.18
N VAL A 196 2.38 -8.05 9.60
CA VAL A 196 3.13 -9.03 10.44
C VAL A 196 4.50 -9.24 9.82
N ILE A 197 4.53 -9.75 8.58
CA ILE A 197 5.81 -10.00 7.88
C ILE A 197 6.78 -8.88 8.22
N ALA A 198 6.48 -7.67 7.73
CA ALA A 198 7.36 -6.51 7.97
C ALA A 198 7.84 -6.50 9.43
N LEU A 199 6.92 -6.42 10.37
CA LEU A 199 7.31 -6.32 11.80
C LEU A 199 8.50 -7.21 12.08
N ASN A 200 8.35 -8.53 11.97
CA ASN A 200 9.46 -9.44 12.35
C ASN A 200 10.67 -9.09 11.49
N GLU A 201 10.48 -8.98 10.18
CA GLU A 201 11.61 -8.59 9.29
C GLU A 201 12.43 -7.52 10.01
N ARG A 202 11.79 -6.42 10.40
CA ARG A 202 12.53 -5.31 11.07
C ARG A 202 13.07 -5.81 12.40
N PHE A 203 12.17 -6.16 13.33
CA PHE A 203 12.61 -6.59 14.68
C PHE A 203 13.01 -8.06 14.60
N GLY A 204 12.08 -8.96 14.93
CA GLY A 204 12.38 -10.40 14.90
C GLY A 204 12.13 -11.02 16.26
N ASN A 205 13.03 -11.91 16.69
CA ASN A 205 12.88 -12.60 17.99
C ASN A 205 12.52 -11.56 19.06
N GLU A 206 12.92 -10.30 18.84
CA GLU A 206 12.68 -9.25 19.86
C GLU A 206 11.27 -8.66 19.70
N LEU A 207 10.31 -9.49 19.28
CA LEU A 207 8.90 -9.01 19.17
C LEU A 207 7.99 -10.00 19.88
N ARG A 208 7.55 -9.68 21.10
CA ARG A 208 6.72 -10.61 21.88
C ARG A 208 5.32 -10.67 21.26
N TRP A 209 5.12 -11.57 20.30
CA TRP A 209 3.79 -11.72 19.67
C TRP A 209 2.83 -12.35 20.69
N PHE A 210 2.02 -11.54 21.35
CA PHE A 210 0.98 -12.10 22.26
C PHE A 210 -0.26 -12.42 21.42
N VAL A 211 -0.56 -13.70 21.22
CA VAL A 211 -1.68 -14.07 20.31
C VAL A 211 -2.67 -14.98 21.04
N PRO A 212 -3.92 -15.10 20.56
CA PRO A 212 -4.90 -15.98 21.17
C PRO A 212 -4.69 -17.45 20.78
N LEU A 213 -5.21 -18.35 21.59
CA LEU A 213 -5.08 -19.81 21.29
C LEU A 213 -5.54 -20.05 19.85
N GLY A 214 -4.75 -20.80 19.09
CA GLY A 214 -5.14 -21.16 17.72
C GLY A 214 -4.41 -20.33 16.68
N LEU A 215 -3.42 -19.55 17.10
CA LEU A 215 -2.73 -18.65 16.15
C LEU A 215 -1.26 -19.05 16.04
N LEU A 216 -0.67 -19.54 17.13
CA LEU A 216 0.78 -19.90 17.14
C LEU A 216 1.21 -20.30 15.72
N ASP A 217 0.74 -21.44 15.24
CA ASP A 217 1.13 -21.91 13.89
C ASP A 217 1.18 -20.72 12.95
N TRP A 218 0.02 -20.16 12.60
CA TRP A 218 -0.05 -19.00 11.67
C TRP A 218 1.18 -18.13 11.89
N MET A 219 1.35 -17.64 13.12
CA MET A 219 2.52 -16.79 13.45
C MET A 219 3.80 -17.52 13.02
N GLN A 220 4.17 -18.56 13.74
CA GLN A 220 5.41 -19.32 13.41
C GLN A 220 5.49 -19.47 11.89
N LYS A 221 4.41 -19.93 11.26
CA LYS A 221 4.41 -20.14 9.80
C LYS A 221 4.84 -18.85 9.12
N CYS A 222 4.21 -17.74 9.51
CA CYS A 222 4.57 -16.42 8.93
C CYS A 222 6.05 -16.18 9.18
N GLY A 223 6.62 -16.82 10.21
CA GLY A 223 8.06 -16.69 10.49
C GLY A 223 8.32 -15.92 11.76
N CYS A 224 7.70 -16.35 12.87
CA CYS A 224 7.88 -15.65 14.16
C CYS A 224 8.18 -16.69 15.25
N GLU A 225 9.02 -16.33 16.22
CA GLU A 225 9.39 -17.27 17.30
C GLU A 225 8.88 -16.75 18.63
N ASN A 226 9.14 -15.47 18.93
CA ASN A 226 8.67 -14.86 20.20
C ASN A 226 7.15 -14.74 20.15
N VAL A 227 6.44 -15.87 20.20
CA VAL A 227 4.95 -15.85 20.08
C VAL A 227 4.35 -16.59 21.28
N ILE A 228 3.35 -15.98 21.93
CA ILE A 228 2.68 -16.63 23.09
C ILE A 228 1.21 -16.82 22.76
N GLU A 229 0.70 -18.04 22.90
CA GLU A 229 -0.75 -18.30 22.67
C GLU A 229 -1.45 -18.27 24.03
N LEU A 230 -2.67 -17.75 24.10
CA LEU A 230 -3.32 -17.62 25.43
C LEU A 230 -4.83 -17.84 25.34
N ASP A 231 -5.41 -18.52 26.34
CA ASP A 231 -6.89 -18.68 26.40
C ASP A 231 -7.38 -17.55 27.28
N TRP A 232 -8.52 -16.93 26.95
CA TRP A 232 -8.91 -15.75 27.78
C TRP A 232 -8.82 -16.15 29.25
N TRP A 233 -8.34 -15.23 30.10
CA TRP A 233 -8.13 -15.51 31.55
C TRP A 233 -6.75 -16.16 31.72
N GLU A 234 -5.85 -15.93 30.76
CA GLU A 234 -4.47 -16.43 30.89
C GLU A 234 -3.54 -15.24 31.13
N GLU A 235 -2.23 -15.48 31.25
CA GLU A 235 -1.30 -14.37 31.57
C GLU A 235 0.12 -14.73 31.14
N ASN A 236 0.91 -13.70 30.78
CA ASN A 236 2.33 -13.92 30.38
C ASN A 236 3.01 -12.55 30.45
N CYS A 237 4.30 -12.47 30.10
CA CYS A 237 5.01 -11.19 30.28
C CYS A 237 6.09 -11.01 29.22
N VAL A 238 6.57 -9.78 29.05
CA VAL A 238 7.71 -9.55 28.12
C VAL A 238 8.97 -9.96 28.88
N PRO A 239 9.76 -10.92 28.36
CA PRO A 239 10.95 -11.40 29.05
C PRO A 239 11.68 -10.31 29.86
N GLY A 240 12.47 -9.49 29.18
CA GLY A 240 13.24 -8.44 29.88
C GLY A 240 12.38 -7.71 30.90
N HIS A 241 11.43 -6.91 30.42
CA HIS A 241 10.52 -6.16 31.34
C HIS A 241 9.47 -7.14 31.88
N ASP A 242 9.86 -7.99 32.82
CA ASP A 242 8.93 -9.02 33.35
C ASP A 242 7.99 -8.39 34.37
N LYS A 243 8.34 -7.22 34.91
CA LYS A 243 7.51 -6.56 35.95
C LYS A 243 6.09 -6.38 35.41
N VAL A 244 5.97 -5.90 34.18
CA VAL A 244 4.63 -5.65 33.57
C VAL A 244 3.95 -6.99 33.29
N THR A 245 2.63 -7.03 33.36
CA THR A 245 1.90 -8.30 33.14
C THR A 245 0.88 -8.12 32.02
N PHE A 246 0.77 -9.11 31.12
CA PHE A 246 -0.21 -9.04 30.01
C PHE A 246 -1.25 -10.14 30.24
N VAL A 247 -2.53 -9.83 30.02
CA VAL A 247 -3.60 -10.82 30.30
C VAL A 247 -4.60 -10.86 29.14
N PHE A 248 -4.92 -12.06 28.66
CA PHE A 248 -5.96 -12.19 27.60
C PHE A 248 -7.31 -12.19 28.28
N THR A 249 -8.12 -11.16 28.02
CA THR A 249 -9.44 -11.04 28.70
C THR A 249 -10.55 -11.42 27.73
N PRO A 250 -11.72 -11.88 28.22
CA PRO A 250 -12.79 -12.32 27.33
C PRO A 250 -13.37 -11.22 26.43
N SER A 251 -14.20 -11.61 25.47
CA SER A 251 -14.86 -10.63 24.55
C SER A 251 -16.02 -11.32 23.84
N GLN A 252 -16.82 -10.56 23.07
CA GLN A 252 -17.96 -11.15 22.32
C GLN A 252 -17.77 -10.87 20.83
N HIS A 253 -16.98 -11.71 20.15
CA HIS A 253 -16.74 -11.53 18.70
C HIS A 253 -16.57 -12.90 18.05
N TRP A 254 -16.29 -12.93 16.76
CA TRP A 254 -16.12 -14.22 16.04
C TRP A 254 -14.75 -14.24 15.39
N CYS A 255 -14.31 -15.43 14.96
CA CYS A 255 -13.00 -15.56 14.28
C CYS A 255 -13.19 -16.32 12.97
N LYS A 256 -12.71 -15.76 11.87
CA LYS A 256 -12.78 -16.44 10.55
C LYS A 256 -11.83 -15.72 9.60
N ARG A 257 -11.06 -16.47 8.82
CA ARG A 257 -10.13 -15.86 7.83
C ARG A 257 -10.32 -16.58 6.50
N THR A 258 -10.76 -17.84 6.55
CA THR A 258 -10.99 -18.63 5.32
C THR A 258 -12.36 -19.29 5.41
N LEU A 259 -12.49 -20.50 4.88
CA LEU A 259 -13.78 -21.24 4.90
C LEU A 259 -13.68 -22.36 5.91
N MET A 260 -14.72 -22.56 6.74
CA MET A 260 -14.75 -23.68 7.71
C MET A 260 -13.81 -23.41 8.89
N ASP A 261 -12.88 -22.46 8.76
CA ASP A 261 -12.00 -22.10 9.89
C ASP A 261 -12.81 -21.32 10.93
N ASP A 262 -14.13 -21.24 10.74
CA ASP A 262 -14.96 -20.40 11.62
C ASP A 262 -14.63 -20.68 13.10
N ASN A 263 -14.55 -19.62 13.89
CA ASN A 263 -14.27 -19.74 15.36
C ASN A 263 -13.34 -20.93 15.63
N LYS A 264 -12.19 -20.97 14.96
CA LYS A 264 -11.20 -22.03 15.25
C LYS A 264 -10.14 -21.43 16.17
N VAL A 265 -9.86 -20.14 16.03
CA VAL A 265 -8.91 -19.45 16.95
C VAL A 265 -9.74 -18.58 17.90
N LEU A 266 -9.40 -18.57 19.19
CA LEU A 266 -10.26 -17.84 20.16
C LEU A 266 -10.17 -16.34 19.92
N TRP A 267 -11.16 -15.59 20.42
CA TRP A 267 -11.13 -14.11 20.33
C TRP A 267 -10.99 -13.58 21.75
N GLY A 268 -10.94 -12.28 21.93
CA GLY A 268 -10.89 -11.73 23.30
C GLY A 268 -10.29 -10.35 23.38
N SER A 269 -10.09 -9.86 24.61
CA SER A 269 -9.50 -8.52 24.82
C SER A 269 -8.15 -8.69 25.51
N TRP A 270 -7.36 -7.63 25.59
CA TRP A 270 -6.07 -7.69 26.31
C TRP A 270 -6.09 -6.71 27.47
N SER A 271 -5.48 -7.09 28.59
CA SER A 271 -5.40 -6.18 29.76
C SER A 271 -3.95 -6.08 30.20
N VAL A 272 -3.30 -4.94 29.94
CA VAL A 272 -1.87 -4.78 30.29
C VAL A 272 -1.79 -4.23 31.71
N LEU A 273 -1.32 -5.05 32.65
CA LEU A 273 -1.20 -4.62 34.06
C LEU A 273 0.27 -4.28 34.34
N GLY A 274 0.61 -3.00 34.28
CA GLY A 274 2.00 -2.58 34.48
C GLY A 274 2.20 -1.99 35.87
N PRO A 275 3.38 -2.18 36.50
CA PRO A 275 3.67 -1.61 37.81
C PRO A 275 3.05 -0.23 38.02
N TRP A 276 3.19 0.67 37.05
CA TRP A 276 2.70 2.06 37.24
C TRP A 276 1.27 2.19 36.73
N ASN A 277 1.09 2.36 35.42
CA ASN A 277 -0.27 2.57 34.87
C ASN A 277 -0.83 1.23 34.38
N ARG A 278 -2.10 1.21 33.97
CA ARG A 278 -2.74 -0.03 33.47
C ARG A 278 -3.58 0.29 32.23
N PHE A 279 -3.57 -0.60 31.23
CA PHE A 279 -4.29 -0.31 29.96
C PHE A 279 -5.12 -1.53 29.55
N PHE A 280 -6.25 -1.28 28.89
CA PHE A 280 -7.13 -2.38 28.46
C PHE A 280 -7.48 -2.22 26.99
N PHE A 281 -7.30 -3.29 26.20
CA PHE A 281 -7.67 -3.24 24.78
C PHE A 281 -8.83 -4.22 24.55
N ALA A 282 -9.98 -3.69 24.16
CA ALA A 282 -11.16 -4.55 23.94
C ALA A 282 -11.01 -5.24 22.58
N GLY A 283 -10.80 -4.45 21.53
CA GLY A 283 -10.68 -5.01 20.17
C GLY A 283 -12.02 -4.98 19.46
N ASP A 284 -12.59 -6.14 19.16
CA ASP A 284 -13.94 -6.18 18.55
C ASP A 284 -14.81 -7.03 19.47
N THR A 285 -15.94 -6.50 19.93
CA THR A 285 -16.82 -7.25 20.86
C THR A 285 -18.18 -6.59 20.98
N GLY A 286 -19.21 -7.37 21.26
CA GLY A 286 -20.54 -6.80 21.53
C GLY A 286 -20.73 -6.77 23.04
N TYR A 287 -21.75 -6.07 23.55
CA TYR A 287 -21.84 -5.96 25.02
C TYR A 287 -22.03 -7.36 25.62
N CYS A 288 -21.19 -7.71 26.58
CA CYS A 288 -21.30 -9.03 27.25
C CYS A 288 -20.74 -8.87 28.66
N PRO A 289 -21.31 -9.54 29.68
CA PRO A 289 -20.85 -9.37 31.05
C PRO A 289 -19.34 -9.12 31.15
N ALA A 290 -18.54 -10.17 31.00
CA ALA A 290 -17.06 -10.06 31.06
C ALA A 290 -16.60 -8.67 31.51
N PHE A 291 -16.65 -7.68 30.62
CA PHE A 291 -16.15 -6.32 30.94
C PHE A 291 -16.17 -6.09 32.46
N GLU A 292 -17.34 -6.04 33.08
CA GLU A 292 -17.45 -5.84 34.55
C GLU A 292 -16.49 -6.80 35.25
N GLU A 293 -16.66 -8.10 35.03
CA GLU A 293 -15.72 -9.09 35.60
C GLU A 293 -14.30 -8.53 35.50
N ILE A 294 -13.88 -8.19 34.29
CA ILE A 294 -12.50 -7.64 34.09
C ILE A 294 -12.33 -6.48 35.05
N GLY A 295 -13.15 -5.43 34.90
CA GLY A 295 -13.04 -4.24 35.75
C GLY A 295 -12.94 -4.60 37.23
N LYS A 296 -13.40 -5.79 37.60
CA LYS A 296 -13.37 -6.20 39.03
C LYS A 296 -12.05 -6.91 39.32
N ARG A 297 -11.82 -8.06 38.68
CA ARG A 297 -10.57 -8.83 38.92
C ARG A 297 -9.40 -7.85 38.85
N PHE A 298 -9.24 -7.18 37.71
CA PHE A 298 -8.18 -6.14 37.60
C PHE A 298 -8.86 -4.79 37.77
N GLY A 299 -8.23 -3.73 37.27
CA GLY A 299 -8.83 -2.39 37.35
C GLY A 299 -8.76 -1.82 38.75
N PRO A 300 -8.78 -0.48 38.92
CA PRO A 300 -9.20 0.42 37.85
C PRO A 300 -8.11 0.58 36.78
N PHE A 301 -8.47 0.40 35.50
CA PHE A 301 -7.50 0.63 34.41
C PHE A 301 -7.36 2.14 34.20
N ASP A 302 -6.27 2.57 33.56
CA ASP A 302 -6.04 4.01 33.32
C ASP A 302 -6.73 4.41 32.02
N LEU A 303 -6.23 3.91 30.89
CA LEU A 303 -6.88 4.17 29.57
C LEU A 303 -7.40 2.87 28.99
N ALA A 304 -8.47 2.94 28.20
CA ALA A 304 -8.99 1.73 27.53
C ALA A 304 -9.35 2.06 26.09
N ALA A 305 -9.02 1.17 25.16
CA ALA A 305 -9.39 1.38 23.74
C ALA A 305 -10.70 0.65 23.47
N ILE A 306 -11.78 1.41 23.22
CA ILE A 306 -13.10 0.77 23.03
C ILE A 306 -13.56 1.01 21.60
N PRO A 307 -14.04 -0.04 20.89
CA PRO A 307 -14.53 0.12 19.54
C PRO A 307 -15.80 0.98 19.53
N ILE A 308 -15.92 1.87 18.55
CA ILE A 308 -17.12 2.76 18.45
C ILE A 308 -17.68 2.70 17.04
N GLY A 309 -17.20 1.78 16.21
CA GLY A 309 -17.65 1.71 14.80
C GLY A 309 -18.20 0.36 14.41
N ALA A 310 -18.71 0.24 13.18
CA ALA A 310 -19.28 -1.03 12.68
C ALA A 310 -20.43 -1.46 13.60
N TYR A 311 -21.55 -0.74 13.57
CA TYR A 311 -22.67 -1.07 14.49
C TYR A 311 -23.97 -1.17 13.69
N GLU A 312 -24.07 -0.45 12.57
CA GLU A 312 -25.30 -0.47 11.73
C GLU A 312 -25.09 -1.47 10.59
N PRO A 313 -25.91 -2.55 10.48
CA PRO A 313 -27.25 -2.56 11.05
C PRO A 313 -27.28 -3.19 12.46
N ARG A 314 -27.98 -2.54 13.40
CA ARG A 314 -27.97 -3.04 14.80
C ARG A 314 -28.46 -4.48 14.84
N TRP A 315 -29.60 -4.76 14.20
CA TRP A 315 -30.19 -6.13 14.24
CA TRP A 315 -30.19 -6.13 14.24
C TRP A 315 -29.21 -7.29 13.92
N PHE A 316 -28.15 -6.92 13.19
CA PHE A 316 -27.18 -7.97 12.80
C PHE A 316 -25.88 -7.80 13.60
N MET A 317 -25.39 -6.57 13.72
CA MET A 317 -24.07 -6.35 14.38
C MET A 317 -24.20 -6.42 15.90
N LYS A 318 -25.33 -5.97 16.45
CA LYS A 318 -25.50 -5.89 17.92
C LYS A 318 -24.70 -6.96 18.66
N TYR A 319 -24.86 -8.22 18.28
CA TYR A 319 -24.25 -9.32 19.08
C TYR A 319 -22.74 -9.41 18.89
N GLN A 320 -22.20 -8.92 17.78
CA GLN A 320 -20.75 -9.10 17.53
C GLN A 320 -20.02 -7.77 17.73
N HIS A 321 -20.75 -6.66 17.66
CA HIS A 321 -20.09 -5.34 17.74
C HIS A 321 -20.88 -4.41 18.65
N VAL A 322 -20.20 -3.73 19.57
CA VAL A 322 -20.88 -2.81 20.52
C VAL A 322 -21.30 -1.55 19.76
N ASP A 323 -22.18 -0.76 20.37
CA ASP A 323 -22.61 0.52 19.77
C ASP A 323 -21.96 1.64 20.56
N PRO A 324 -21.77 2.85 20.00
CA PRO A 324 -21.11 3.91 20.73
C PRO A 324 -21.59 3.92 22.19
N GLU A 325 -22.90 3.83 22.40
CA GLU A 325 -23.45 3.79 23.78
C GLU A 325 -22.86 2.60 24.51
N GLU A 326 -23.01 1.40 23.95
CA GLU A 326 -22.52 0.18 24.62
C GLU A 326 -21.07 0.42 25.03
N ALA A 327 -20.32 1.15 24.20
CA ALA A 327 -18.91 1.45 24.52
C ALA A 327 -18.86 2.25 25.82
N VAL A 328 -19.62 3.35 25.90
CA VAL A 328 -19.66 4.15 27.16
C VAL A 328 -19.86 3.17 28.31
N ARG A 329 -20.77 2.21 28.14
CA ARG A 329 -21.04 1.24 29.22
C ARG A 329 -19.74 0.52 29.57
N ILE A 330 -19.02 0.04 28.56
CA ILE A 330 -17.71 -0.62 28.82
C ILE A 330 -16.84 0.33 29.63
N HIS A 331 -16.69 1.58 29.17
CA HIS A 331 -15.91 2.58 29.93
C HIS A 331 -16.20 2.39 31.41
N THR A 332 -17.49 2.29 31.74
CA THR A 332 -17.89 2.12 33.17
C THR A 332 -17.50 0.72 33.64
N ASP A 333 -18.09 -0.32 33.06
CA ASP A 333 -17.84 -1.70 33.53
C ASP A 333 -16.34 -1.92 33.75
N VAL A 334 -15.51 -1.57 32.77
CA VAL A 334 -14.04 -1.84 32.87
C VAL A 334 -13.42 -0.95 33.96
N GLN A 335 -14.14 0.08 34.39
CA GLN A 335 -13.65 0.97 35.46
C GLN A 335 -12.33 1.62 35.02
N THR A 336 -12.34 2.27 33.87
CA THR A 336 -11.12 3.01 33.43
C THR A 336 -11.31 4.48 33.81
N LYS A 337 -10.26 5.27 33.73
CA LYS A 337 -10.40 6.72 34.01
C LYS A 337 -10.66 7.43 32.68
N LYS A 338 -10.30 6.80 31.57
CA LYS A 338 -10.48 7.44 30.24
C LYS A 338 -10.56 6.39 29.14
N SER A 339 -10.95 6.80 27.93
CA SER A 339 -11.09 5.84 26.79
C SER A 339 -10.63 6.52 25.50
N MET A 340 -10.13 5.75 24.53
CA MET A 340 -9.53 6.37 23.31
C MET A 340 -10.44 6.23 22.08
N ALA A 341 -11.30 5.22 22.03
CA ALA A 341 -12.20 5.01 20.86
C ALA A 341 -11.41 4.42 19.69
N ILE A 342 -11.47 3.09 19.53
CA ILE A 342 -10.76 2.41 18.41
C ILE A 342 -11.79 2.06 17.32
N HIS A 343 -11.38 1.31 16.29
CA HIS A 343 -12.27 1.04 15.13
C HIS A 343 -12.73 2.39 14.57
N TRP A 344 -13.61 2.41 13.57
CA TRP A 344 -14.16 3.69 13.05
C TRP A 344 -13.11 4.55 12.35
N GLY A 345 -13.54 5.38 11.41
CA GLY A 345 -12.63 6.36 10.78
C GLY A 345 -11.68 5.79 9.74
N THR A 346 -11.42 4.49 9.77
CA THR A 346 -10.39 3.95 8.84
C THR A 346 -11.03 3.11 7.73
N PHE A 347 -11.86 2.13 8.09
CA PHE A 347 -12.44 1.21 7.08
C PHE A 347 -13.97 1.23 7.13
N ALA A 348 -14.63 0.87 6.03
CA ALA A 348 -16.11 0.83 6.00
C ALA A 348 -16.58 -0.61 6.09
N LEU A 349 -16.71 -1.14 7.30
CA LEU A 349 -17.10 -2.55 7.49
C LEU A 349 -18.56 -2.62 7.94
N ALA A 350 -19.34 -1.58 7.64
CA ALA A 350 -20.78 -1.56 8.00
C ALA A 350 -21.52 -0.55 7.13
N ASN A 351 -22.70 -0.11 7.54
CA ASN A 351 -23.51 0.80 6.69
C ASN A 351 -23.68 2.14 7.40
N GLU A 352 -23.18 2.26 8.62
CA GLU A 352 -23.30 3.53 9.39
C GLU A 352 -22.53 4.64 8.67
N HIS A 353 -22.98 5.89 8.83
CA HIS A 353 -22.20 7.02 8.26
C HIS A 353 -20.82 6.98 8.89
N TYR A 354 -19.78 7.30 8.12
CA TYR A 354 -18.42 7.12 8.65
C TYR A 354 -18.10 8.12 9.74
N LEU A 355 -18.80 9.26 9.77
CA LEU A 355 -18.62 10.28 10.78
C LEU A 355 -19.58 10.10 11.96
N GLU A 356 -20.59 9.25 11.82
CA GLU A 356 -21.59 9.09 12.88
C GLU A 356 -21.02 8.61 14.20
N PRO A 357 -20.11 7.63 14.27
CA PRO A 357 -19.75 7.02 15.55
C PRO A 357 -19.31 8.04 16.58
N PRO A 358 -18.49 9.05 16.25
CA PRO A 358 -18.15 10.05 17.29
C PRO A 358 -19.34 10.82 17.80
N VAL A 359 -20.28 11.17 16.90
CA VAL A 359 -21.49 11.88 17.31
C VAL A 359 -22.32 11.03 18.27
N LYS A 360 -22.55 9.75 17.89
CA LYS A 360 -23.29 8.87 18.76
C LYS A 360 -22.58 8.65 20.09
N LEU A 361 -21.24 8.65 20.07
CA LEU A 361 -20.48 8.46 21.30
C LEU A 361 -20.68 9.63 22.25
N ASN A 362 -20.60 10.86 21.73
CA ASN A 362 -20.81 12.03 22.58
C ASN A 362 -22.25 12.10 23.08
N GLU A 363 -23.20 11.69 22.24
CA GLU A 363 -24.59 11.60 22.65
C GLU A 363 -24.72 10.67 23.85
N ALA A 364 -24.16 9.46 23.75
CA ALA A 364 -24.24 8.53 24.87
C ALA A 364 -23.46 9.02 26.07
N LEU A 365 -22.38 9.75 25.83
CA LEU A 365 -21.60 10.31 26.93
C LEU A 365 -22.43 11.26 27.75
N GLU A 366 -23.14 12.16 27.08
CA GLU A 366 -23.97 13.11 27.80
C GLU A 366 -25.17 12.43 28.42
N ARG A 367 -25.69 11.38 27.77
CA ARG A 367 -26.77 10.58 28.35
C ARG A 367 -26.36 9.97 29.68
N TYR A 368 -25.17 9.39 29.75
CA TYR A 368 -24.72 8.64 30.90
C TYR A 368 -24.12 9.52 31.99
N GLY A 369 -24.20 10.84 31.83
CA GLY A 369 -23.59 11.73 32.80
C GLY A 369 -22.07 11.74 32.76
N LEU A 370 -21.49 11.76 31.58
CA LEU A 370 -20.05 11.79 31.37
C LEU A 370 -19.69 13.05 30.59
N ASN A 371 -18.42 13.15 30.21
CA ASN A 371 -17.93 14.31 29.50
C ASN A 371 -16.88 13.84 28.49
N ALA A 372 -16.70 14.62 27.42
CA ALA A 372 -15.79 14.25 26.35
C ALA A 372 -14.35 14.07 26.84
N GLU A 373 -14.01 14.60 28.00
CA GLU A 373 -12.71 14.31 28.60
C GLU A 373 -12.57 12.83 28.92
N ASP A 374 -13.61 12.23 29.48
CA ASP A 374 -13.54 10.86 29.96
C ASP A 374 -13.40 9.87 28.81
N PHE A 375 -14.04 10.13 27.68
CA PHE A 375 -14.04 9.23 26.52
C PHE A 375 -13.78 10.07 25.29
N PHE A 376 -12.52 10.11 24.86
CA PHE A 376 -12.09 11.00 23.80
C PHE A 376 -11.82 10.24 22.51
N VAL A 377 -11.89 10.96 21.39
CA VAL A 377 -11.55 10.44 20.08
C VAL A 377 -10.33 11.20 19.57
N LEU A 378 -9.33 10.45 19.10
CA LEU A 378 -8.12 11.08 18.59
C LEU A 378 -8.23 11.27 17.09
N LYS A 379 -7.32 12.08 16.57
CA LYS A 379 -7.21 12.20 15.14
C LYS A 379 -6.28 11.10 14.63
N HIS A 380 -6.35 10.86 13.33
CA HIS A 380 -5.57 9.78 12.73
C HIS A 380 -4.10 10.14 12.84
N GLY A 381 -3.36 9.43 13.70
CA GLY A 381 -1.95 9.72 13.92
C GLY A 381 -1.66 10.54 15.15
N GLU A 382 -2.67 11.12 15.77
CA GLU A 382 -2.47 11.95 16.95
C GLU A 382 -1.96 11.12 18.14
N SER A 383 -1.19 11.77 18.98
CA SER A 383 -0.72 11.17 20.20
C SER A 383 -1.38 11.89 21.36
N ARG A 384 -1.30 11.28 22.53
CA ARG A 384 -1.85 11.89 23.73
C ARG A 384 -1.14 11.32 24.94
N TYR A 385 -0.66 12.21 25.80
CA TYR A 385 0.08 11.85 27.00
C TYR A 385 -0.86 12.01 28.19
N LEU A 386 -0.90 10.99 29.05
CA LEU A 386 -1.73 10.99 30.25
C LEU A 386 -0.84 10.59 31.41
N ASN A 387 -0.41 11.57 32.19
CA ASN A 387 0.40 11.34 33.39
C ASN A 387 -0.52 11.12 34.60
N ASN A 388 -1.42 10.14 34.44
CA ASN A 388 -2.39 9.64 35.44
C ASN A 388 -3.77 10.28 35.34
N LYS B 56 5.00 5.37 -45.61
CA LYS B 56 4.98 3.89 -45.60
C LYS B 56 6.41 3.35 -45.65
N SER B 57 7.37 4.13 -45.17
CA SER B 57 8.79 3.71 -45.20
C SER B 57 8.98 2.42 -44.40
N LYS B 58 10.09 1.71 -44.65
CA LYS B 58 10.38 0.45 -43.92
C LYS B 58 9.99 0.64 -42.46
N LYS B 59 8.83 0.13 -42.05
CA LYS B 59 8.37 0.32 -40.66
C LYS B 59 8.01 -1.04 -40.06
N GLY B 60 8.88 -1.58 -39.21
CA GLY B 60 8.60 -2.88 -38.56
C GLY B 60 7.17 -2.93 -38.08
N LYS B 61 6.29 -3.55 -38.84
CA LYS B 61 4.90 -3.70 -38.40
C LYS B 61 4.77 -4.98 -37.57
N ASP B 62 3.54 -5.33 -37.20
CA ASP B 62 3.28 -6.60 -36.51
C ASP B 62 3.23 -7.72 -37.54
N GLY B 63 3.64 -8.91 -37.11
CA GLY B 63 4.07 -9.23 -35.77
C GLY B 63 3.09 -10.15 -35.06
N ARG B 64 2.37 -10.97 -35.83
CA ARG B 64 1.44 -11.97 -35.20
C ARG B 64 1.71 -13.35 -35.79
N PHE B 65 2.11 -14.30 -34.95
CA PHE B 65 2.44 -15.67 -35.41
C PHE B 65 1.48 -16.67 -34.75
N VAL B 66 1.57 -17.95 -35.10
CA VAL B 66 0.67 -19.00 -34.53
C VAL B 66 -0.64 -18.33 -34.12
N ASN B 67 -0.82 -18.05 -32.83
CA ASN B 67 -2.02 -17.30 -32.37
C ASN B 67 -1.58 -15.91 -31.90
N PRO B 68 -0.81 -15.76 -30.80
CA PRO B 68 -0.41 -14.44 -30.28
C PRO B 68 0.67 -13.71 -31.09
N TRP B 69 1.06 -12.52 -30.61
CA TRP B 69 2.11 -11.72 -31.26
C TRP B 69 3.52 -12.17 -30.87
N PRO B 70 4.39 -12.45 -31.83
CA PRO B 70 5.82 -12.56 -31.53
C PRO B 70 6.53 -11.21 -31.74
N THR B 71 7.77 -11.16 -31.27
CA THR B 71 8.62 -9.98 -31.53
C THR B 71 9.18 -10.15 -32.92
N TRP B 72 8.78 -9.25 -33.84
N TRP B 72 8.77 -9.27 -33.84
CA TRP B 72 9.26 -9.33 -35.22
CA TRP B 72 9.26 -9.36 -35.21
C TRP B 72 10.78 -9.18 -35.30
C TRP B 72 10.78 -9.25 -35.25
N LYS B 73 11.36 -8.45 -34.35
CA LYS B 73 12.79 -8.19 -34.36
C LYS B 73 13.58 -9.49 -34.36
N ASN B 74 14.67 -9.49 -35.13
CA ASN B 74 15.50 -10.68 -35.27
C ASN B 74 16.12 -11.18 -33.96
N PRO B 75 16.54 -10.35 -33.00
CA PRO B 75 17.33 -10.86 -31.89
C PRO B 75 16.53 -11.52 -30.78
N SER B 76 15.26 -11.86 -30.98
CA SER B 76 14.47 -12.51 -29.94
C SER B 76 14.56 -14.02 -30.06
N ILE B 77 14.69 -14.70 -28.91
CA ILE B 77 14.62 -16.17 -28.82
C ILE B 77 13.74 -16.57 -27.64
N PRO B 78 12.55 -17.20 -27.85
CA PRO B 78 11.72 -17.57 -26.69
C PRO B 78 12.22 -18.83 -26.00
N ASN B 79 12.81 -18.66 -24.82
CA ASN B 79 13.02 -19.76 -23.87
C ASN B 79 12.70 -19.29 -22.45
N VAL B 80 11.59 -18.55 -22.27
CA VAL B 80 11.30 -17.84 -21.01
C VAL B 80 11.04 -18.85 -19.86
N LEU B 81 11.11 -18.34 -18.61
CA LEU B 81 10.90 -19.15 -17.40
C LEU B 81 9.95 -18.52 -16.37
N ARG B 82 9.64 -17.21 -16.48
CA ARG B 82 8.74 -16.38 -15.67
C ARG B 82 9.42 -15.97 -14.39
N TRP B 83 9.06 -14.78 -13.92
CA TRP B 83 9.55 -14.32 -12.64
C TRP B 83 9.31 -15.37 -11.60
N LEU B 84 10.42 -15.68 -10.90
CA LEU B 84 10.43 -16.61 -9.73
C LEU B 84 11.52 -16.03 -8.84
N ILE B 85 11.22 -15.65 -7.60
CA ILE B 85 12.25 -15.01 -6.72
C ILE B 85 13.59 -15.70 -6.97
N MET B 86 13.56 -16.99 -7.32
CA MET B 86 14.81 -17.77 -7.58
C MET B 86 15.99 -16.83 -7.84
N GLU B 87 16.01 -16.12 -8.97
CA GLU B 87 17.17 -15.27 -9.32
C GLU B 87 16.80 -13.80 -9.19
N LYS B 88 15.82 -13.49 -8.34
CA LYS B 88 15.36 -12.08 -8.22
C LYS B 88 15.09 -11.72 -6.74
N ASP B 89 15.38 -12.63 -5.80
CA ASP B 89 15.05 -12.26 -4.42
C ASP B 89 16.05 -11.30 -3.79
N HIS B 90 17.32 -11.70 -3.62
CA HIS B 90 18.39 -10.78 -3.23
C HIS B 90 19.76 -11.31 -3.68
N SER B 91 20.32 -10.78 -4.76
CA SER B 91 21.78 -10.77 -4.89
C SER B 91 22.33 -9.36 -4.74
N SER B 92 21.44 -8.38 -4.56
CA SER B 92 21.71 -7.01 -4.16
C SER B 92 21.62 -6.80 -2.66
N VAL B 93 20.77 -7.58 -1.99
CA VAL B 93 20.62 -7.64 -0.53
C VAL B 93 20.50 -6.25 0.09
N PRO B 94 19.37 -5.55 -0.12
CA PRO B 94 19.18 -4.25 0.54
C PRO B 94 19.03 -4.41 2.04
N SER B 95 19.87 -3.68 2.79
CA SER B 95 19.87 -3.82 4.26
C SER B 95 18.82 -2.92 4.91
N SER B 96 19.08 -2.45 6.13
CA SER B 96 18.11 -1.61 6.87
C SER B 96 17.71 -0.38 6.05
N LYS B 97 16.43 -0.02 6.07
CA LYS B 97 15.93 1.15 5.30
C LYS B 97 16.99 2.25 5.33
N GLU B 98 17.41 2.68 6.53
CA GLU B 98 18.44 3.75 6.67
C GLU B 98 19.44 3.67 5.52
N GLU B 99 20.15 2.55 5.41
CA GLU B 99 21.15 2.37 4.32
C GLU B 99 20.53 2.89 3.01
N LEU B 100 19.32 2.43 2.67
CA LEU B 100 18.68 2.85 1.44
C LEU B 100 18.25 4.30 1.49
N ASP B 101 17.90 4.81 2.67
CA ASP B 101 17.67 6.26 2.76
C ASP B 101 18.91 7.05 2.35
N LYS B 102 20.10 6.57 2.73
CA LYS B 102 21.32 7.25 2.33
C LYS B 102 21.57 7.11 0.83
N GLU B 103 21.39 5.91 0.30
CA GLU B 103 21.69 5.64 -1.11
C GLU B 103 20.55 6.05 -2.02
N LEU B 104 19.31 5.71 -1.65
CA LEU B 104 18.15 5.94 -2.51
C LEU B 104 17.13 6.73 -1.69
N PRO B 105 17.35 8.03 -1.51
CA PRO B 105 16.40 8.81 -0.71
C PRO B 105 15.11 9.03 -1.48
N VAL B 106 14.00 9.00 -0.76
CA VAL B 106 12.71 9.29 -1.39
C VAL B 106 12.41 10.77 -1.17
N LEU B 107 12.21 11.49 -2.27
CA LEU B 107 11.91 12.90 -2.21
C LEU B 107 10.40 13.14 -2.18
N LYS B 108 10.02 14.34 -1.77
CA LYS B 108 8.61 14.69 -1.72
C LYS B 108 8.35 15.54 -2.95
N PRO B 109 7.60 15.03 -3.92
CA PRO B 109 7.48 15.74 -5.21
C PRO B 109 6.99 17.17 -5.03
N TYR B 110 7.34 18.01 -6.01
CA TYR B 110 7.04 19.44 -5.89
C TYR B 110 5.53 19.68 -5.74
N PHE B 111 4.71 18.94 -6.48
CA PHE B 111 3.30 19.26 -6.49
C PHE B 111 2.64 18.98 -5.15
N ILE B 112 3.32 18.32 -4.23
CA ILE B 112 2.78 18.15 -2.88
C ILE B 112 2.84 19.48 -2.14
N THR B 113 4.04 20.03 -2.00
CA THR B 113 4.20 21.28 -1.27
C THR B 113 3.61 22.45 -2.04
N ASN B 114 3.76 22.48 -3.37
CA ASN B 114 3.23 23.55 -4.20
C ASN B 114 2.32 22.89 -5.24
N PRO B 115 1.07 22.60 -4.88
CA PRO B 115 0.12 22.07 -5.89
C PRO B 115 -0.05 22.99 -7.07
N GLU B 116 0.17 24.29 -6.88
CA GLU B 116 0.21 25.19 -8.02
CA GLU B 116 0.21 25.19 -8.02
C GLU B 116 1.51 24.96 -8.76
N GLU B 117 1.76 25.73 -9.81
CA GLU B 117 3.00 25.59 -10.59
C GLU B 117 3.04 24.31 -11.41
N ALA B 118 2.01 23.47 -11.33
CA ALA B 118 1.97 22.16 -11.95
C ALA B 118 1.52 22.14 -13.41
N GLY B 119 1.50 23.26 -14.13
CA GLY B 119 1.34 23.11 -15.57
C GLY B 119 2.71 23.03 -16.23
N VAL B 120 2.88 23.60 -17.43
CA VAL B 120 4.23 23.78 -17.97
C VAL B 120 4.49 25.18 -18.47
N ARG B 121 3.42 25.97 -18.66
CA ARG B 121 3.53 27.31 -19.24
C ARG B 121 4.15 27.25 -20.66
N GLU B 122 4.12 26.07 -21.29
CA GLU B 122 4.70 25.80 -22.61
C GLU B 122 6.19 26.11 -22.64
N ALA B 123 6.73 26.13 -23.85
CA ALA B 123 8.16 26.30 -24.10
C ALA B 123 9.02 25.53 -23.12
N GLY B 124 8.70 24.26 -22.94
CA GLY B 124 9.49 23.43 -22.06
C GLY B 124 8.79 22.12 -21.76
N LEU B 125 9.33 21.44 -20.75
CA LEU B 125 8.97 20.05 -20.48
C LEU B 125 9.35 19.72 -19.05
N ARG B 126 8.39 19.31 -18.23
CA ARG B 126 8.74 18.96 -16.85
C ARG B 126 8.49 17.48 -16.64
N VAL B 127 9.41 16.83 -15.94
CA VAL B 127 9.25 15.40 -15.72
C VAL B 127 9.53 15.12 -14.26
N THR B 128 8.77 14.20 -13.70
CA THR B 128 8.92 13.79 -12.32
C THR B 128 8.96 12.27 -12.30
N TRP B 129 9.97 11.72 -11.68
CA TRP B 129 10.11 10.28 -11.59
C TRP B 129 9.47 9.79 -10.30
N LEU B 130 8.41 8.96 -10.43
CA LEU B 130 7.76 8.26 -9.32
C LEU B 130 8.04 6.79 -9.56
N GLY B 131 9.18 6.32 -9.07
CA GLY B 131 9.45 4.90 -8.90
C GLY B 131 9.61 4.12 -10.19
N HIS B 132 10.31 2.98 -10.16
CA HIS B 132 10.30 2.02 -11.27
C HIS B 132 10.17 2.71 -12.62
N ALA B 133 9.03 2.51 -13.27
CA ALA B 133 8.72 3.15 -14.54
C ALA B 133 7.61 4.20 -14.44
N THR B 134 7.17 4.58 -13.22
CA THR B 134 6.16 5.62 -13.17
C THR B 134 6.81 6.97 -13.48
N VAL B 135 6.36 7.57 -14.56
CA VAL B 135 6.92 8.87 -14.95
C VAL B 135 5.76 9.81 -15.24
N MET B 136 5.80 11.00 -14.62
CA MET B 136 4.82 12.04 -14.87
C MET B 136 5.44 13.10 -15.77
N VAL B 137 4.84 13.31 -16.93
CA VAL B 137 5.37 14.21 -17.96
C VAL B 137 4.38 15.33 -18.16
N GLU B 138 4.86 16.56 -18.12
CA GLU B 138 4.05 17.73 -18.31
C GLU B 138 4.59 18.49 -19.52
N MET B 139 3.72 18.79 -20.46
CA MET B 139 4.04 19.48 -21.70
C MET B 139 2.75 19.88 -22.41
N ASP B 140 2.79 21.03 -23.09
CA ASP B 140 1.71 21.47 -23.97
C ASP B 140 0.34 21.33 -23.30
N GLU B 141 0.20 21.92 -22.11
CA GLU B 141 -1.06 21.89 -21.36
C GLU B 141 -1.59 20.47 -21.21
N LEU B 142 -0.67 19.54 -20.95
CA LEU B 142 -1.00 18.13 -20.81
C LEU B 142 -0.15 17.55 -19.71
N ILE B 143 -0.76 16.88 -18.73
CA ILE B 143 -0.03 16.11 -17.73
C ILE B 143 -0.38 14.64 -17.91
N PHE B 144 0.53 13.83 -18.46
CA PHE B 144 0.25 12.41 -18.64
C PHE B 144 1.17 11.53 -17.79
N LEU B 145 0.60 10.46 -17.25
CA LEU B 145 1.37 9.47 -16.52
C LEU B 145 1.82 8.32 -17.42
N THR B 146 2.88 7.62 -16.98
CA THR B 146 3.30 6.37 -17.62
C THR B 146 3.55 5.34 -16.55
N ASP B 147 3.06 4.09 -16.86
CA ASP B 147 3.16 2.82 -16.16
C ASP B 147 2.97 3.03 -14.66
N PRO B 148 1.78 3.44 -14.22
CA PRO B 148 1.60 3.84 -12.81
C PRO B 148 1.57 2.63 -11.90
N ILE B 149 2.49 2.58 -10.94
CA ILE B 149 2.51 1.56 -9.90
C ILE B 149 2.72 2.29 -8.59
N PHE B 150 1.64 2.41 -7.82
CA PHE B 150 1.65 3.06 -6.52
C PHE B 150 1.41 2.06 -5.41
N SER B 151 1.41 0.76 -5.75
CA SER B 151 1.19 -0.28 -4.76
C SER B 151 2.50 -0.84 -4.27
N SER B 152 2.44 -1.37 -3.07
CA SER B 152 3.63 -1.89 -2.44
C SER B 152 4.13 -3.12 -3.20
N ARG B 153 3.25 -4.06 -3.55
CA ARG B 153 3.64 -5.31 -4.20
C ARG B 153 3.15 -5.34 -5.65
N ALA B 154 4.03 -5.76 -6.57
CA ALA B 154 3.69 -5.93 -7.98
C ALA B 154 3.32 -7.38 -8.31
N SER B 155 2.24 -7.86 -7.72
CA SER B 155 1.90 -9.27 -7.93
C SER B 155 0.38 -9.42 -7.96
N PRO B 156 -0.12 -10.52 -8.55
CA PRO B 156 -1.56 -10.83 -8.44
C PRO B 156 -1.97 -11.29 -7.06
N SER B 157 -1.03 -11.65 -6.21
CA SER B 157 -1.34 -12.05 -4.87
C SER B 157 -0.89 -10.96 -3.89
N GLN B 158 -1.20 -11.15 -2.61
CA GLN B 158 -0.72 -10.29 -1.54
C GLN B 158 0.26 -11.03 -0.65
N TYR B 159 0.47 -12.31 -0.91
CA TYR B 159 1.28 -13.18 -0.09
C TYR B 159 2.59 -13.55 -0.77
N MET B 160 2.67 -13.35 -2.09
CA MET B 160 3.84 -13.72 -2.86
C MET B 160 4.02 -12.70 -3.96
N GLY B 161 5.29 -12.41 -4.28
CA GLY B 161 5.61 -11.53 -5.36
C GLY B 161 6.63 -10.51 -4.94
N PRO B 162 7.11 -9.71 -5.90
CA PRO B 162 8.13 -8.69 -5.61
C PRO B 162 7.52 -7.43 -5.00
N LYS B 163 8.04 -7.04 -3.84
CA LYS B 163 7.55 -5.85 -3.14
C LYS B 163 8.64 -4.78 -3.16
N ARG B 164 8.25 -3.55 -3.47
CA ARG B 164 9.22 -2.47 -3.63
C ARG B 164 9.99 -2.25 -2.33
N PHE B 165 11.27 -1.91 -2.46
CA PHE B 165 12.05 -1.54 -1.29
C PHE B 165 12.11 -0.03 -1.11
N ARG B 166 11.60 0.72 -2.08
CA ARG B 166 11.47 2.17 -2.01
C ARG B 166 9.99 2.52 -2.11
N ARG B 167 9.48 3.19 -1.06
CA ARG B 167 8.09 3.64 -1.06
C ARG B 167 7.81 4.55 -2.24
N SER B 168 6.52 4.73 -2.50
CA SER B 168 6.13 5.56 -3.62
C SER B 168 6.27 7.04 -3.24
N PRO B 169 6.78 7.88 -4.15
CA PRO B 169 6.99 9.29 -3.79
C PRO B 169 5.73 10.00 -3.30
N CYS B 170 4.63 9.86 -4.04
CA CYS B 170 3.35 10.46 -3.72
C CYS B 170 2.25 9.39 -3.84
N THR B 171 1.01 9.81 -3.58
CA THR B 171 -0.17 8.95 -3.65
C THR B 171 -1.14 9.49 -4.70
N ILE B 172 -2.11 8.65 -5.09
CA ILE B 172 -3.02 9.08 -6.14
C ILE B 172 -3.82 10.28 -5.68
N SER B 173 -4.10 10.38 -4.37
CA SER B 173 -4.88 11.51 -3.89
C SER B 173 -4.10 12.80 -4.06
N GLU B 174 -2.78 12.74 -3.99
CA GLU B 174 -1.93 13.93 -3.94
C GLU B 174 -1.46 14.41 -5.30
N LEU B 175 -1.66 13.65 -6.34
CA LEU B 175 -1.04 14.13 -7.56
C LEU B 175 -1.97 15.04 -8.35
N PRO B 176 -1.41 15.93 -9.18
CA PRO B 176 -2.23 16.92 -9.89
C PRO B 176 -3.15 16.26 -10.89
N PRO B 177 -4.04 17.04 -11.52
CA PRO B 177 -4.92 16.51 -12.56
C PRO B 177 -4.15 15.83 -13.67
N ILE B 178 -4.39 14.55 -13.81
CA ILE B 178 -3.83 13.74 -14.88
C ILE B 178 -4.81 13.74 -16.04
N ASP B 179 -4.28 13.93 -17.25
CA ASP B 179 -5.09 13.98 -18.45
C ASP B 179 -5.04 12.69 -19.25
N ALA B 180 -3.98 11.91 -19.10
CA ALA B 180 -3.81 10.66 -19.84
C ALA B 180 -2.83 9.78 -19.09
N VAL B 181 -2.99 8.47 -19.24
CA VAL B 181 -2.05 7.48 -18.73
C VAL B 181 -1.59 6.65 -19.92
N LEU B 182 -0.31 6.29 -19.94
CA LEU B 182 0.27 5.47 -20.99
C LEU B 182 0.67 4.12 -20.39
N ILE B 183 0.23 3.03 -21.01
CA ILE B 183 0.58 1.68 -20.57
C ILE B 183 1.45 1.02 -21.66
N SER B 184 2.68 0.64 -21.29
CA SER B 184 3.57 0.00 -22.27
C SER B 184 3.26 -1.48 -22.50
N HIS B 185 3.34 -2.29 -21.45
CA HIS B 185 2.90 -3.69 -21.52
C HIS B 185 2.12 -4.00 -20.24
N ASN B 186 1.70 -5.26 -20.08
CA ASN B 186 0.75 -5.66 -19.05
C ASN B 186 1.36 -6.29 -17.80
N HIS B 187 2.69 -6.35 -17.71
CA HIS B 187 3.32 -6.96 -16.54
C HIS B 187 2.95 -6.22 -15.26
N TYR B 188 2.95 -6.97 -14.15
CA TYR B 188 2.46 -6.45 -12.88
C TYR B 188 3.28 -5.28 -12.36
N ASP B 189 4.52 -5.11 -12.82
CA ASP B 189 5.31 -3.95 -12.41
C ASP B 189 5.01 -2.71 -13.25
N HIS B 190 4.14 -2.84 -14.25
CA HIS B 190 3.76 -1.70 -15.08
C HIS B 190 2.26 -1.54 -15.19
N LEU B 191 1.47 -2.57 -14.89
CA LEU B 191 0.01 -2.47 -14.84
C LEU B 191 -0.42 -2.86 -13.42
N ASP B 192 -0.94 -1.90 -12.67
CA ASP B 192 -1.30 -2.16 -11.29
C ASP B 192 -2.81 -1.99 -11.12
N TYR B 193 -3.48 -3.09 -10.79
CA TYR B 193 -4.94 -3.06 -10.67
C TYR B 193 -5.36 -1.93 -9.74
N ASN B 194 -4.88 -1.96 -8.49
CA ASN B 194 -5.25 -0.94 -7.51
C ASN B 194 -4.95 0.47 -8.01
N SER B 195 -3.79 0.67 -8.64
CA SER B 195 -3.51 1.98 -9.23
C SER B 195 -4.54 2.35 -10.30
N VAL B 196 -4.85 1.43 -11.23
CA VAL B 196 -5.90 1.71 -12.22
C VAL B 196 -7.18 2.18 -11.54
N ILE B 197 -7.64 1.39 -10.55
CA ILE B 197 -8.88 1.73 -9.89
C ILE B 197 -8.80 3.14 -9.32
N ALA B 198 -7.83 3.36 -8.41
CA ALA B 198 -7.60 4.65 -7.80
C ALA B 198 -7.67 5.79 -8.81
N LEU B 199 -6.92 5.62 -9.91
CA LEU B 199 -6.92 6.65 -10.98
C LEU B 199 -8.35 6.86 -11.46
N ASN B 200 -9.01 5.80 -11.93
CA ASN B 200 -10.36 5.98 -12.47
C ASN B 200 -11.37 6.43 -11.41
N GLU B 201 -11.05 6.30 -10.13
CA GLU B 201 -11.90 6.76 -9.05
C GLU B 201 -11.74 8.27 -8.86
N ARG B 202 -10.50 8.75 -8.80
CA ARG B 202 -10.29 10.19 -8.78
C ARG B 202 -10.90 10.81 -10.03
N PHE B 203 -10.40 10.42 -11.18
CA PHE B 203 -10.78 10.96 -12.48
C PHE B 203 -11.82 10.02 -13.10
N GLY B 204 -12.16 10.28 -14.35
CA GLY B 204 -13.27 9.65 -15.02
C GLY B 204 -12.89 9.42 -16.46
N ASN B 205 -13.81 9.82 -17.33
CA ASN B 205 -13.68 9.88 -18.78
C ASN B 205 -12.71 10.99 -19.24
N GLU B 206 -12.10 11.62 -18.23
CA GLU B 206 -11.12 12.70 -18.52
C GLU B 206 -9.78 12.00 -18.59
N LEU B 207 -9.63 10.90 -17.84
CA LEU B 207 -8.40 10.16 -17.97
C LEU B 207 -8.55 9.40 -19.27
N ARG B 208 -7.77 9.75 -20.27
CA ARG B 208 -7.68 8.98 -21.52
C ARG B 208 -6.60 7.92 -21.39
N TRP B 209 -7.01 6.66 -21.22
CA TRP B 209 -6.07 5.54 -21.10
C TRP B 209 -5.63 5.05 -22.48
N PHE B 210 -4.36 5.30 -22.83
CA PHE B 210 -3.73 4.76 -24.05
C PHE B 210 -3.05 3.43 -23.76
N VAL B 211 -3.64 2.33 -24.25
CA VAL B 211 -3.11 1.00 -23.94
C VAL B 211 -2.75 0.28 -25.25
N PRO B 212 -1.90 -0.78 -25.16
CA PRO B 212 -1.59 -1.58 -26.36
C PRO B 212 -2.74 -2.45 -26.84
N LEU B 213 -2.54 -3.13 -27.97
CA LEU B 213 -3.58 -4.01 -28.49
C LEU B 213 -3.76 -5.24 -27.60
N GLY B 214 -5.00 -5.48 -27.20
CA GLY B 214 -5.39 -6.56 -26.32
C GLY B 214 -5.69 -6.18 -24.89
N LEU B 215 -5.65 -4.89 -24.55
CA LEU B 215 -5.88 -4.46 -23.18
C LEU B 215 -7.20 -3.77 -22.98
N LEU B 216 -7.85 -3.33 -24.06
CA LEU B 216 -9.10 -2.58 -23.96
C LEU B 216 -10.08 -3.26 -23.00
N ASP B 217 -10.39 -4.54 -23.27
CA ASP B 217 -11.32 -5.27 -22.41
C ASP B 217 -10.91 -5.22 -20.94
N TRP B 218 -9.66 -5.56 -20.63
CA TRP B 218 -9.13 -5.45 -19.26
C TRP B 218 -9.45 -4.11 -18.63
N MET B 219 -9.16 -3.02 -19.36
CA MET B 219 -9.40 -1.66 -18.90
C MET B 219 -10.87 -1.44 -18.58
N GLN B 220 -11.76 -1.73 -19.54
CA GLN B 220 -13.19 -1.60 -19.30
C GLN B 220 -13.65 -2.44 -18.13
N LYS B 221 -13.13 -3.66 -18.01
CA LYS B 221 -13.45 -4.50 -16.87
C LYS B 221 -12.98 -3.87 -15.56
N CYS B 222 -12.01 -2.97 -15.62
CA CYS B 222 -11.66 -2.21 -14.43
C CYS B 222 -12.61 -1.05 -14.21
N GLY B 223 -13.23 -0.54 -15.25
CA GLY B 223 -14.21 0.52 -15.06
C GLY B 223 -13.89 1.76 -15.87
N CYS B 224 -12.85 1.69 -16.71
CA CYS B 224 -12.43 2.85 -17.49
C CYS B 224 -13.21 2.89 -18.79
N GLU B 225 -13.60 4.11 -19.19
CA GLU B 225 -14.42 4.34 -20.37
C GLU B 225 -13.69 5.07 -21.47
N ASN B 226 -12.81 6.02 -21.14
CA ASN B 226 -12.03 6.71 -22.17
C ASN B 226 -10.73 5.92 -22.37
N VAL B 227 -10.85 4.81 -23.12
CA VAL B 227 -9.73 3.91 -23.40
C VAL B 227 -9.51 3.82 -24.89
N ILE B 228 -8.26 3.87 -25.31
CA ILE B 228 -7.87 3.80 -26.71
C ILE B 228 -6.84 2.70 -26.84
N GLU B 229 -7.10 1.75 -27.74
CA GLU B 229 -6.20 0.64 -28.04
C GLU B 229 -5.44 0.93 -29.32
N LEU B 230 -4.13 0.72 -29.31
CA LEU B 230 -3.26 1.07 -30.43
C LEU B 230 -2.34 -0.10 -30.78
N ASP B 231 -1.96 -0.18 -32.07
CA ASP B 231 -0.95 -1.12 -32.58
C ASP B 231 0.31 -0.38 -32.99
N TRP B 232 1.31 -1.14 -33.48
CA TRP B 232 2.56 -0.51 -33.90
C TRP B 232 2.27 0.66 -34.81
N TRP B 233 3.02 1.74 -34.62
CA TRP B 233 2.90 2.94 -35.44
C TRP B 233 1.47 3.43 -35.53
N GLU B 234 0.71 3.29 -34.46
CA GLU B 234 -0.66 3.78 -34.51
C GLU B 234 -0.74 5.09 -33.74
N GLU B 235 -1.72 5.93 -34.10
CA GLU B 235 -1.77 7.27 -33.53
C GLU B 235 -3.17 7.63 -33.07
N ASN B 236 -3.23 8.49 -32.05
CA ASN B 236 -4.48 9.05 -31.55
C ASN B 236 -4.15 10.34 -30.79
N CYS B 237 -5.14 10.86 -30.07
CA CYS B 237 -4.96 12.13 -29.38
C CYS B 237 -5.94 12.17 -28.22
N VAL B 238 -5.74 13.18 -27.38
CA VAL B 238 -6.63 13.46 -26.25
C VAL B 238 -7.82 14.24 -26.81
N PRO B 239 -9.08 13.92 -26.42
CA PRO B 239 -10.23 14.57 -27.10
C PRO B 239 -10.12 16.09 -27.29
N GLY B 240 -9.88 16.85 -26.22
CA GLY B 240 -9.72 18.28 -26.35
C GLY B 240 -8.45 18.69 -27.06
N HIS B 241 -7.28 18.35 -26.49
CA HIS B 241 -5.99 18.71 -27.06
C HIS B 241 -5.68 17.86 -28.30
N ASP B 242 -5.75 18.48 -29.48
CA ASP B 242 -5.54 17.78 -30.74
C ASP B 242 -4.11 17.85 -31.23
N LYS B 243 -3.43 18.98 -30.97
CA LYS B 243 -2.08 19.16 -31.49
C LYS B 243 -1.14 18.07 -30.99
N VAL B 244 -1.28 17.66 -29.74
CA VAL B 244 -0.51 16.52 -29.24
C VAL B 244 -1.05 15.24 -29.85
N THR B 245 -0.13 14.38 -30.31
CA THR B 245 -0.48 13.12 -30.94
C THR B 245 0.30 12.01 -30.25
N PHE B 246 -0.40 10.99 -29.78
CA PHE B 246 0.23 9.87 -29.09
C PHE B 246 0.38 8.72 -30.06
N VAL B 247 1.58 8.15 -30.16
CA VAL B 247 1.81 7.09 -31.12
C VAL B 247 2.37 5.88 -30.40
N PHE B 248 1.75 4.73 -30.62
CA PHE B 248 2.29 3.46 -30.18
C PHE B 248 3.31 2.97 -31.22
N THR B 249 4.53 2.75 -30.75
CA THR B 249 5.73 2.40 -31.50
C THR B 249 6.30 1.06 -31.00
N PRO B 250 7.01 0.33 -31.86
CA PRO B 250 7.47 -1.01 -31.51
C PRO B 250 8.40 -1.04 -30.30
N SER B 251 8.64 -2.27 -29.84
CA SER B 251 9.59 -2.60 -28.77
C SER B 251 9.77 -4.10 -28.77
N GLN B 252 10.78 -4.56 -28.03
CA GLN B 252 11.11 -6.00 -27.95
C GLN B 252 10.97 -6.47 -26.51
N HIS B 253 9.76 -6.90 -26.17
CA HIS B 253 9.42 -7.37 -24.83
C HIS B 253 8.39 -8.49 -24.98
N TRP B 254 7.84 -8.94 -23.86
CA TRP B 254 6.80 -9.97 -23.83
C TRP B 254 5.62 -9.48 -22.99
N CYS B 255 4.52 -10.24 -22.99
CA CYS B 255 3.34 -9.89 -22.21
C CYS B 255 2.77 -11.12 -21.54
N LYS B 256 2.47 -10.99 -20.25
CA LYS B 256 1.89 -12.10 -19.48
C LYS B 256 1.32 -11.62 -18.16
N ARG B 257 0.08 -12.02 -17.82
CA ARG B 257 -0.41 -11.79 -16.45
C ARG B 257 -0.90 -13.08 -15.79
N THR B 258 -1.40 -14.02 -16.59
CA THR B 258 -2.02 -15.25 -16.10
C THR B 258 -1.47 -16.42 -16.89
N LEU B 259 -2.03 -17.61 -16.73
CA LEU B 259 -1.51 -18.78 -17.45
C LEU B 259 -2.21 -18.87 -18.79
N MET B 260 -1.42 -19.12 -19.84
CA MET B 260 -1.89 -19.26 -21.21
C MET B 260 -2.31 -17.93 -21.85
N ASP B 261 -2.09 -16.80 -21.19
CA ASP B 261 -2.36 -15.51 -21.81
C ASP B 261 -1.09 -14.88 -22.39
N ASP B 262 0.01 -15.63 -22.45
CA ASP B 262 1.27 -15.07 -22.95
C ASP B 262 1.10 -14.43 -24.32
N ASN B 263 1.59 -13.20 -24.44
CA ASN B 263 1.64 -12.48 -25.70
C ASN B 263 0.26 -12.34 -26.34
N LYS B 264 -0.83 -12.54 -25.57
CA LYS B 264 -2.17 -12.18 -26.06
C LYS B 264 -2.28 -10.68 -26.28
N VAL B 265 -1.86 -9.90 -25.29
CA VAL B 265 -1.75 -8.46 -25.43
C VAL B 265 -0.38 -8.13 -25.99
N LEU B 266 -0.21 -6.91 -26.50
CA LEU B 266 1.03 -6.50 -27.14
C LEU B 266 1.81 -5.56 -26.21
N TRP B 267 3.12 -5.50 -26.41
CA TRP B 267 4.04 -4.59 -25.71
C TRP B 267 4.40 -3.44 -26.65
N GLY B 268 5.29 -2.56 -26.21
CA GLY B 268 5.75 -1.50 -27.09
C GLY B 268 6.23 -0.28 -26.30
N SER B 269 6.39 0.81 -27.05
CA SER B 269 6.85 2.10 -26.55
C SER B 269 5.90 3.19 -27.04
N TRP B 270 5.97 4.36 -26.40
CA TRP B 270 5.10 5.48 -26.71
C TRP B 270 5.92 6.68 -27.18
N SER B 271 5.44 7.34 -28.22
CA SER B 271 6.10 8.52 -28.78
C SER B 271 5.03 9.62 -28.83
N VAL B 272 5.02 10.50 -27.82
CA VAL B 272 4.12 11.65 -27.84
C VAL B 272 4.78 12.79 -28.60
N LEU B 273 4.11 13.23 -29.65
CA LEU B 273 4.58 14.33 -30.50
C LEU B 273 3.66 15.52 -30.23
N GLY B 274 4.15 16.44 -29.42
CA GLY B 274 3.44 17.65 -29.15
C GLY B 274 4.01 18.72 -30.05
N PRO B 275 3.25 19.81 -30.26
CA PRO B 275 3.74 20.87 -31.16
C PRO B 275 4.87 21.69 -30.57
N TRP B 276 5.35 21.39 -29.36
CA TRP B 276 6.46 22.11 -28.77
C TRP B 276 7.60 21.21 -28.28
N ASN B 277 7.27 19.96 -27.91
CA ASN B 277 8.24 19.07 -27.30
C ASN B 277 7.88 17.62 -27.65
N ARG B 278 8.77 16.94 -28.35
CA ARG B 278 8.63 15.52 -28.64
C ARG B 278 9.19 14.69 -27.49
N PHE B 279 8.42 13.72 -26.99
CA PHE B 279 8.83 12.93 -25.84
C PHE B 279 8.71 11.44 -26.17
N PHE B 280 9.84 10.75 -26.14
CA PHE B 280 9.85 9.30 -26.24
C PHE B 280 9.85 8.64 -24.86
N PHE B 281 9.09 7.55 -24.74
CA PHE B 281 9.12 6.69 -23.56
C PHE B 281 9.16 5.24 -24.03
N ALA B 282 10.13 4.49 -23.51
CA ALA B 282 10.50 3.20 -24.08
C ALA B 282 9.71 2.07 -23.44
N GLY B 283 9.63 2.06 -22.13
CA GLY B 283 8.91 0.99 -21.44
C GLY B 283 9.87 -0.10 -21.01
N ASP B 284 9.63 -1.31 -21.51
CA ASP B 284 10.49 -2.45 -21.24
C ASP B 284 10.90 -3.06 -22.57
N THR B 285 12.19 -3.34 -22.71
CA THR B 285 12.66 -3.81 -24.00
C THR B 285 14.11 -4.30 -23.90
N GLY B 286 14.44 -5.31 -24.73
CA GLY B 286 15.81 -5.59 -25.11
C GLY B 286 16.20 -4.78 -26.33
N TYR B 287 17.49 -4.82 -26.70
CA TYR B 287 17.90 -4.01 -27.84
C TYR B 287 17.33 -4.57 -29.13
N CYS B 288 16.86 -3.69 -29.99
CA CYS B 288 16.30 -4.14 -31.26
C CYS B 288 16.42 -3.02 -32.26
N PRO B 289 16.25 -3.31 -33.55
CA PRO B 289 16.38 -2.27 -34.57
C PRO B 289 15.20 -1.33 -34.69
N ALA B 290 14.08 -1.63 -34.03
CA ALA B 290 12.92 -0.77 -34.19
C ALA B 290 13.11 0.60 -33.60
N PHE B 291 14.14 0.76 -32.77
CA PHE B 291 14.46 2.02 -32.13
C PHE B 291 15.08 3.02 -33.11
N GLU B 292 15.87 2.56 -34.07
CA GLU B 292 16.24 3.47 -35.15
C GLU B 292 15.04 3.92 -35.97
N GLU B 293 14.11 3.01 -36.26
CA GLU B 293 12.87 3.40 -36.93
C GLU B 293 12.11 4.47 -36.13
N ILE B 294 11.95 4.24 -34.82
CA ILE B 294 11.21 5.15 -33.96
C ILE B 294 11.90 6.49 -33.95
N GLY B 295 13.22 6.47 -33.78
CA GLY B 295 14.04 7.65 -33.72
C GLY B 295 14.09 8.45 -35.01
N LYS B 296 13.89 7.79 -36.15
CA LYS B 296 13.99 8.49 -37.46
C LYS B 296 12.62 9.04 -37.85
N ARG B 297 11.59 8.19 -37.85
CA ARG B 297 10.23 8.60 -38.20
C ARG B 297 9.81 9.85 -37.46
N PHE B 298 9.79 9.75 -36.15
CA PHE B 298 9.63 10.88 -35.26
C PHE B 298 11.03 11.40 -34.96
N GLY B 299 11.14 12.32 -34.02
CA GLY B 299 12.45 12.76 -33.64
C GLY B 299 12.92 13.94 -34.47
N PRO B 300 13.89 14.70 -33.93
CA PRO B 300 14.60 14.45 -32.65
C PRO B 300 13.67 14.63 -31.46
N PHE B 301 13.94 13.91 -30.37
CA PHE B 301 13.08 13.99 -29.22
C PHE B 301 13.72 14.88 -28.16
N ASP B 302 12.93 15.22 -27.16
CA ASP B 302 13.41 16.04 -26.06
C ASP B 302 13.69 15.22 -24.81
N LEU B 303 12.84 14.27 -24.45
CA LEU B 303 13.19 13.36 -23.38
C LEU B 303 13.01 11.93 -23.83
N ALA B 304 13.56 11.02 -23.04
CA ALA B 304 13.52 9.60 -23.31
C ALA B 304 13.61 8.88 -21.98
N ALA B 305 12.49 8.33 -21.52
CA ALA B 305 12.51 7.47 -20.34
C ALA B 305 12.98 6.08 -20.76
N ILE B 306 14.28 5.82 -20.63
CA ILE B 306 14.87 4.53 -20.96
C ILE B 306 15.05 3.64 -19.73
N PRO B 307 14.70 2.35 -19.79
CA PRO B 307 15.03 1.46 -18.67
C PRO B 307 16.52 1.13 -18.60
N ILE B 308 17.07 1.11 -17.40
CA ILE B 308 18.48 0.79 -17.21
C ILE B 308 18.67 -0.29 -16.15
N GLY B 309 17.60 -0.97 -15.74
CA GLY B 309 17.66 -1.99 -14.72
C GLY B 309 17.09 -3.34 -15.17
N ALA B 310 17.23 -4.33 -14.28
CA ALA B 310 16.77 -5.71 -14.47
C ALA B 310 17.38 -6.39 -15.71
N TYR B 311 18.70 -6.52 -15.71
CA TYR B 311 19.39 -7.01 -16.89
C TYR B 311 20.45 -8.06 -16.59
N GLU B 312 20.41 -8.58 -15.37
CA GLU B 312 21.47 -9.48 -14.85
C GLU B 312 21.81 -10.71 -15.70
N PRO B 313 20.95 -11.75 -15.88
CA PRO B 313 21.41 -13.00 -16.51
C PRO B 313 21.40 -12.73 -18.00
N ARG B 314 22.38 -11.95 -18.43
CA ARG B 314 22.40 -11.46 -19.80
C ARG B 314 22.03 -12.56 -20.78
N TRP B 315 22.68 -13.72 -20.67
CA TRP B 315 22.22 -14.91 -21.38
C TRP B 315 20.69 -15.03 -21.35
N PHE B 316 20.07 -14.92 -20.16
CA PHE B 316 18.61 -15.00 -20.14
C PHE B 316 17.96 -13.66 -20.50
N MET B 317 18.22 -12.60 -19.73
CA MET B 317 17.61 -11.32 -20.07
C MET B 317 18.60 -10.59 -20.93
N LYS B 318 18.46 -10.72 -22.23
CA LYS B 318 19.03 -9.76 -23.17
C LYS B 318 18.04 -9.44 -24.24
N TYR B 319 17.02 -10.26 -24.36
CA TYR B 319 16.01 -10.22 -25.39
C TYR B 319 14.75 -9.55 -24.91
N GLN B 320 14.69 -9.30 -23.61
CA GLN B 320 13.57 -8.63 -22.98
C GLN B 320 14.00 -7.39 -22.22
N HIS B 321 15.28 -7.28 -21.87
CA HIS B 321 15.75 -6.17 -21.05
C HIS B 321 17.11 -5.69 -21.50
N VAL B 322 17.23 -4.39 -21.80
CA VAL B 322 18.54 -3.83 -22.16
C VAL B 322 19.38 -3.66 -20.90
N ASP B 323 20.67 -3.62 -21.10
CA ASP B 323 21.58 -3.20 -20.05
C ASP B 323 21.92 -1.73 -20.25
N PRO B 324 22.60 -1.12 -19.29
CA PRO B 324 22.94 0.30 -19.45
C PRO B 324 23.69 0.62 -20.73
N GLU B 325 24.58 -0.26 -21.19
CA GLU B 325 25.27 -0.04 -22.46
C GLU B 325 24.27 0.02 -23.62
N GLU B 326 23.39 -0.98 -23.72
CA GLU B 326 22.29 -0.92 -24.69
C GLU B 326 21.35 0.23 -24.39
N ALA B 327 21.25 0.68 -23.15
CA ALA B 327 20.41 1.83 -22.87
C ALA B 327 20.96 3.08 -23.53
N VAL B 328 22.27 3.34 -23.38
CA VAL B 328 22.86 4.49 -24.06
C VAL B 328 22.80 4.30 -25.56
N ARG B 329 22.96 3.06 -26.02
CA ARG B 329 22.75 2.74 -27.42
C ARG B 329 21.35 3.18 -27.85
N ILE B 330 20.36 2.95 -26.97
CA ILE B 330 18.99 3.35 -27.25
C ILE B 330 18.90 4.86 -27.40
N HIS B 331 19.50 5.56 -26.43
CA HIS B 331 19.52 7.02 -26.43
C HIS B 331 20.07 7.57 -27.74
N THR B 332 21.18 6.98 -28.21
CA THR B 332 21.73 7.37 -29.52
C THR B 332 20.76 7.06 -30.65
N ASP B 333 20.10 5.89 -30.58
CA ASP B 333 19.26 5.42 -31.68
C ASP B 333 18.04 6.30 -31.87
N VAL B 334 17.35 6.63 -30.78
CA VAL B 334 16.10 7.37 -30.84
C VAL B 334 16.33 8.84 -31.10
N GLN B 335 17.58 9.31 -30.96
CA GLN B 335 17.92 10.68 -31.31
C GLN B 335 17.23 11.69 -30.41
N THR B 336 17.26 11.43 -29.11
CA THR B 336 16.72 12.36 -28.12
C THR B 336 17.83 13.24 -27.55
N LYS B 337 17.50 14.49 -27.25
CA LYS B 337 18.49 15.39 -26.65
C LYS B 337 18.89 14.94 -25.25
N LYS B 338 17.94 14.42 -24.47
CA LYS B 338 18.20 14.01 -23.10
C LYS B 338 17.49 12.68 -22.87
N SER B 339 17.91 11.98 -21.81
CA SER B 339 17.31 10.69 -21.50
C SER B 339 17.32 10.52 -20.00
N MET B 340 16.33 9.79 -19.51
CA MET B 340 16.11 9.59 -18.09
C MET B 340 16.13 8.11 -17.79
N ALA B 341 16.83 7.74 -16.73
CA ALA B 341 16.95 6.36 -16.27
C ALA B 341 15.73 5.92 -15.44
N ILE B 342 14.89 5.09 -16.04
CA ILE B 342 13.73 4.48 -15.40
C ILE B 342 13.97 2.96 -15.34
N HIS B 343 13.04 2.23 -14.70
CA HIS B 343 13.26 0.88 -14.16
C HIS B 343 14.31 1.08 -13.07
N TRP B 344 14.93 0.02 -12.55
CA TRP B 344 15.99 0.13 -11.54
C TRP B 344 15.58 0.81 -10.22
N GLY B 345 16.27 0.44 -9.13
CA GLY B 345 16.17 1.11 -7.85
C GLY B 345 14.86 0.99 -7.13
N THR B 346 13.84 0.39 -7.72
CA THR B 346 12.56 0.32 -7.05
C THR B 346 12.16 -1.10 -6.66
N PHE B 347 12.21 -2.05 -7.60
CA PHE B 347 11.89 -3.44 -7.32
C PHE B 347 13.12 -4.31 -7.56
N ALA B 348 13.07 -5.54 -7.06
CA ALA B 348 14.18 -6.49 -7.32
C ALA B 348 13.66 -7.53 -8.31
N LEU B 349 13.82 -7.23 -9.61
CA LEU B 349 13.35 -8.09 -10.68
C LEU B 349 14.48 -8.89 -11.32
N ALA B 350 15.71 -8.76 -10.85
CA ALA B 350 16.84 -9.58 -11.26
C ALA B 350 17.80 -9.69 -10.07
N ASN B 351 19.03 -10.18 -10.33
CA ASN B 351 20.04 -10.38 -9.28
C ASN B 351 21.07 -9.25 -9.16
N GLU B 352 21.15 -8.33 -10.11
CA GLU B 352 22.24 -7.36 -10.06
C GLU B 352 22.14 -6.50 -8.81
N HIS B 353 23.28 -6.01 -8.35
CA HIS B 353 23.30 -5.13 -7.20
C HIS B 353 22.42 -3.92 -7.50
N TYR B 354 21.62 -3.52 -6.52
CA TYR B 354 20.60 -2.52 -6.78
C TYR B 354 21.18 -1.15 -7.12
N LEU B 355 22.41 -0.86 -6.72
CA LEU B 355 23.05 0.40 -7.10
C LEU B 355 23.88 0.28 -8.36
N GLU B 356 24.11 -0.94 -8.84
CA GLU B 356 24.95 -1.13 -10.02
C GLU B 356 24.42 -0.40 -11.27
N PRO B 357 23.14 -0.42 -11.60
CA PRO B 357 22.72 0.06 -12.94
C PRO B 357 23.14 1.50 -13.22
N PRO B 358 23.06 2.43 -12.27
CA PRO B 358 23.59 3.78 -12.56
C PRO B 358 25.09 3.81 -12.83
N VAL B 359 25.87 3.01 -12.10
CA VAL B 359 27.30 2.93 -12.36
C VAL B 359 27.54 2.43 -13.78
N LYS B 360 26.88 1.34 -14.17
CA LYS B 360 27.04 0.86 -15.54
C LYS B 360 26.55 1.90 -16.56
N LEU B 361 25.54 2.70 -16.19
CA LEU B 361 25.05 3.74 -17.07
C LEU B 361 26.12 4.79 -17.32
N ASN B 362 26.82 5.21 -16.27
CA ASN B 362 27.91 6.18 -16.44
C ASN B 362 29.08 5.61 -17.22
N GLU B 363 29.41 4.33 -16.98
CA GLU B 363 30.47 3.70 -17.75
C GLU B 363 30.14 3.71 -19.23
N ALA B 364 28.94 3.26 -19.60
CA ALA B 364 28.56 3.25 -21.01
C ALA B 364 28.46 4.66 -21.58
N LEU B 365 28.09 5.63 -20.74
CA LEU B 365 28.02 7.02 -21.19
C LEU B 365 29.39 7.51 -21.62
N GLU B 366 30.40 7.30 -20.78
CA GLU B 366 31.74 7.78 -21.14
C GLU B 366 32.37 6.93 -22.25
N ARG B 367 31.98 5.66 -22.35
CA ARG B 367 32.39 4.84 -23.48
C ARG B 367 32.00 5.51 -24.80
N TYR B 368 30.77 6.03 -24.88
CA TYR B 368 30.23 6.65 -26.07
C TYR B 368 30.58 8.14 -26.17
N GLY B 369 31.42 8.64 -25.26
CA GLY B 369 31.80 10.04 -25.27
C GLY B 369 30.71 10.99 -24.86
N LEU B 370 29.92 10.65 -23.84
CA LEU B 370 28.80 11.44 -23.36
C LEU B 370 28.95 11.68 -21.86
N ASN B 371 28.38 12.78 -21.37
CA ASN B 371 28.42 13.10 -19.94
CA ASN B 371 28.43 13.10 -19.95
C ASN B 371 27.06 12.86 -19.30
N ALA B 372 27.05 12.99 -17.97
CA ALA B 372 25.81 12.75 -17.22
C ALA B 372 24.73 13.77 -17.58
N GLU B 373 25.09 14.87 -18.22
CA GLU B 373 24.09 15.81 -18.68
C GLU B 373 23.14 15.15 -19.68
N ASP B 374 23.68 14.38 -20.63
CA ASP B 374 22.87 13.82 -21.71
C ASP B 374 21.93 12.74 -21.19
N PHE B 375 22.37 11.95 -20.22
CA PHE B 375 21.61 10.80 -19.73
C PHE B 375 21.71 10.80 -18.21
N PHE B 376 20.68 11.30 -17.56
CA PHE B 376 20.71 11.49 -16.12
C PHE B 376 19.82 10.49 -15.41
N VAL B 377 20.15 10.22 -14.16
CA VAL B 377 19.30 9.42 -13.28
C VAL B 377 18.82 10.34 -12.17
N LEU B 378 17.52 10.29 -11.90
CA LEU B 378 16.89 11.08 -10.86
C LEU B 378 16.67 10.29 -9.59
N LYS B 379 16.50 11.03 -8.50
CA LYS B 379 16.09 10.44 -7.24
C LYS B 379 14.58 10.19 -7.26
N HIS B 380 14.13 9.38 -6.32
CA HIS B 380 12.71 9.01 -6.22
C HIS B 380 11.90 10.24 -5.83
N GLY B 381 11.09 10.75 -6.76
CA GLY B 381 10.29 11.92 -6.51
C GLY B 381 10.89 13.22 -7.01
N GLU B 382 12.18 13.21 -7.40
CA GLU B 382 12.80 14.41 -7.92
C GLU B 382 12.18 14.77 -9.27
N SER B 383 12.12 16.07 -9.53
CA SER B 383 11.63 16.57 -10.81
C SER B 383 12.78 17.25 -11.56
N ARG B 384 12.53 17.52 -12.84
CA ARG B 384 13.50 18.20 -13.68
C ARG B 384 12.79 18.92 -14.83
N TYR B 385 13.21 20.16 -15.06
CA TYR B 385 12.64 20.98 -16.11
C TYR B 385 13.63 21.10 -17.26
N LEU B 386 13.11 21.06 -18.49
CA LEU B 386 13.92 21.08 -19.71
C LEU B 386 13.30 22.05 -20.72
N ASN B 387 13.97 23.18 -20.98
CA ASN B 387 13.52 24.16 -21.96
C ASN B 387 14.12 23.82 -23.32
N ASN B 388 13.35 24.08 -24.39
CA ASN B 388 13.79 23.78 -25.75
C ASN B 388 14.13 25.03 -26.56
N ASP B 389 14.86 24.81 -27.66
CA ASP B 389 15.23 25.86 -28.61
C ASP B 389 13.99 26.57 -29.16
#